data_7P3Q
#
_entry.id   7P3Q
#
_cell.length_a   1.00
_cell.length_b   1.00
_cell.length_c   1.00
_cell.angle_alpha   90.00
_cell.angle_beta   90.00
_cell.angle_gamma   90.00
#
_symmetry.space_group_name_H-M   'P 1'
#
loop_
_entity.id
_entity.type
_entity.pdbx_description
1 polymer 'Transcriptional repressor NrdR'
2 non-polymer "ADENOSINE-5'-TRIPHOSPHATE"
3 non-polymer "2'-DEOXYADENOSINE 5'-TRIPHOSPHATE"
4 non-polymer 'ZINC ION'
#
_entity_poly.entity_id   1
_entity_poly.type   'polypeptide(L)'
_entity_poly.pdbx_seq_one_letter_code
;MHCPFCRHPDSRVVDSRTTDDGTSIRRRRQCPDCSRRFTTVETCSLMVVKRSGVTEPFSRTKVINGVRKACQGRPVTEDA
LAQLGQRVEEAVRATGSAELTTHDVGLAILGPLQELDLVAYLRFASVYRAFDSLEDFEAAIAELRETTGHPGEEDDTGAG
SQENDRGPTGAGQVPEPAGAADKLAAALEHHHHHH
;
_entity_poly.pdbx_strand_id   A,C,E,G,B,D,F,H
#
# COMPACT_ATOMS: atom_id res chain seq x y z
N MET A 1 3.18 -13.26 -37.40
CA MET A 1 4.63 -12.96 -37.37
C MET A 1 5.40 -14.19 -36.97
N HIS A 2 6.72 -14.14 -37.28
CA HIS A 2 7.54 -15.33 -36.96
C HIS A 2 7.38 -15.63 -35.47
N CYS A 3 7.11 -16.95 -35.21
CA CYS A 3 7.02 -17.29 -33.80
C CYS A 3 8.36 -16.97 -33.13
N PRO A 4 8.36 -16.34 -31.96
CA PRO A 4 9.63 -15.95 -31.32
C PRO A 4 10.45 -17.12 -30.81
N PHE A 5 9.79 -18.29 -30.72
CA PHE A 5 10.41 -19.51 -30.14
C PHE A 5 10.91 -20.52 -31.19
N CYS A 6 10.29 -20.61 -32.37
CA CYS A 6 10.67 -21.53 -33.43
C CYS A 6 10.72 -20.88 -34.81
N ARG A 7 10.33 -19.62 -34.94
CA ARG A 7 10.41 -18.86 -36.19
C ARG A 7 9.60 -19.53 -37.30
N HIS A 8 8.30 -19.68 -37.04
CA HIS A 8 7.37 -20.14 -38.06
C HIS A 8 6.71 -18.94 -38.74
N PRO A 9 6.77 -18.88 -40.07
CA PRO A 9 6.38 -17.63 -40.77
C PRO A 9 4.96 -17.16 -40.47
N ASP A 10 4.02 -18.07 -40.21
CA ASP A 10 2.65 -17.70 -39.95
C ASP A 10 2.27 -18.04 -38.51
N SER A 11 1.49 -17.14 -37.90
CA SER A 11 1.04 -17.29 -36.49
C SER A 11 -0.33 -16.61 -36.30
N ARG A 12 -1.37 -17.38 -35.99
CA ARG A 12 -2.76 -16.83 -35.96
C ARG A 12 -3.09 -16.08 -34.68
N VAL A 13 -3.88 -15.03 -34.79
CA VAL A 13 -4.24 -14.19 -33.62
C VAL A 13 -5.39 -14.82 -32.83
N VAL A 14 -5.12 -15.70 -31.86
CA VAL A 14 -6.15 -16.32 -31.04
C VAL A 14 -7.13 -15.27 -30.52
N ASP A 15 -6.61 -14.16 -30.01
CA ASP A 15 -7.45 -13.14 -29.40
C ASP A 15 -6.77 -11.79 -29.55
N SER A 16 -7.59 -10.74 -29.46
CA SER A 16 -7.06 -9.37 -29.60
C SER A 16 -7.88 -8.44 -28.73
N ARG A 17 -7.26 -7.82 -27.72
CA ARG A 17 -7.96 -6.82 -26.87
C ARG A 17 -7.25 -5.48 -26.97
N THR A 18 -7.99 -4.41 -27.21
CA THR A 18 -7.32 -3.10 -27.38
C THR A 18 -7.18 -2.44 -26.02
N THR A 19 -6.37 -1.39 -25.94
CA THR A 19 -6.31 -0.59 -24.70
C THR A 19 -7.22 0.62 -24.98
N ASP A 20 -8.14 0.95 -24.07
CA ASP A 20 -9.10 2.04 -24.42
C ASP A 20 -8.44 3.42 -24.55
N ASP A 21 -7.52 3.75 -23.64
CA ASP A 21 -6.84 5.07 -23.68
C ASP A 21 -5.51 4.78 -24.36
N GLY A 22 -4.98 3.57 -24.20
CA GLY A 22 -3.72 3.23 -24.86
C GLY A 22 -3.86 3.03 -26.36
N THR A 23 -2.87 3.50 -27.14
CA THR A 23 -2.90 3.22 -28.59
C THR A 23 -2.24 1.88 -28.76
N SER A 24 -2.62 0.92 -27.92
CA SER A 24 -1.96 -0.39 -27.92
C SER A 24 -3.03 -1.44 -28.07
N ILE A 25 -2.80 -2.42 -28.93
CA ILE A 25 -3.81 -3.51 -28.98
C ILE A 25 -3.04 -4.75 -28.57
N ARG A 26 -3.51 -5.48 -27.57
CA ARG A 26 -2.79 -6.67 -27.05
C ARG A 26 -3.40 -7.91 -27.68
N ARG A 27 -2.61 -8.70 -28.37
CA ARG A 27 -3.06 -9.85 -29.13
C ARG A 27 -2.36 -11.10 -28.64
N ARG A 28 -3.13 -12.14 -28.37
CA ARG A 28 -2.61 -13.48 -28.11
C ARG A 28 -2.62 -14.25 -29.42
N ARG A 29 -1.46 -14.76 -29.82
CA ARG A 29 -1.29 -15.42 -31.11
C ARG A 29 -0.78 -16.85 -30.90
N GLN A 30 -1.34 -17.77 -31.67
CA GLN A 30 -0.91 -19.17 -31.69
C GLN A 30 0.04 -19.42 -32.85
N CYS A 31 1.09 -20.19 -32.58
CA CYS A 31 2.00 -20.64 -33.62
C CYS A 31 1.64 -22.06 -34.01
N PRO A 32 1.26 -22.33 -35.26
CA PRO A 32 0.85 -23.69 -35.64
C PRO A 32 1.96 -24.73 -35.50
N ASP A 33 3.23 -24.32 -35.48
CA ASP A 33 4.32 -25.28 -35.45
C ASP A 33 4.48 -25.90 -34.07
N CYS A 34 4.79 -25.09 -33.06
CA CYS A 34 5.05 -25.59 -31.72
C CYS A 34 3.84 -25.48 -30.79
N SER A 35 2.75 -24.87 -31.25
CA SER A 35 1.53 -24.73 -30.47
C SER A 35 1.79 -24.03 -29.14
N ARG A 36 2.31 -22.80 -29.24
CA ARG A 36 2.67 -21.99 -28.05
C ARG A 36 2.10 -20.59 -28.20
N ARG A 37 1.26 -20.17 -27.24
CA ARG A 37 0.75 -18.81 -27.21
C ARG A 37 1.89 -17.82 -27.08
N PHE A 38 1.71 -16.64 -27.66
CA PHE A 38 2.62 -15.54 -27.38
C PHE A 38 1.87 -14.22 -27.55
N THR A 39 2.26 -13.25 -26.74
CA THR A 39 1.54 -11.98 -26.62
C THR A 39 2.30 -10.90 -27.37
N THR A 40 1.57 -10.11 -28.16
CA THR A 40 2.14 -9.01 -28.91
C THR A 40 1.34 -7.74 -28.66
N VAL A 41 2.01 -6.61 -28.72
CA VAL A 41 1.35 -5.34 -28.39
C VAL A 41 1.58 -4.47 -29.60
N GLU A 42 0.52 -3.86 -30.13
CA GLU A 42 0.68 -3.08 -31.37
C GLU A 42 0.53 -1.63 -31.02
N THR A 43 1.57 -0.82 -31.24
CA THR A 43 1.52 0.59 -30.78
C THR A 43 2.39 1.49 -31.64
N CYS A 44 1.89 2.66 -32.03
CA CYS A 44 2.80 3.63 -32.69
C CYS A 44 3.81 3.96 -31.60
N SER A 45 5.10 3.98 -31.91
CA SER A 45 6.09 4.12 -30.81
C SER A 45 6.47 5.58 -30.54
N LEU A 46 5.91 6.18 -29.49
CA LEU A 46 6.43 7.52 -29.15
C LEU A 46 7.55 7.18 -28.20
N MET A 47 8.75 7.60 -28.55
CA MET A 47 9.90 7.16 -27.75
C MET A 47 10.72 8.39 -27.48
N VAL A 48 10.66 8.88 -26.27
CA VAL A 48 11.34 10.09 -25.84
C VAL A 48 12.77 9.74 -25.48
N VAL A 49 13.69 10.60 -25.89
CA VAL A 49 15.11 10.49 -25.55
C VAL A 49 15.33 11.32 -24.28
N LYS A 50 15.61 10.64 -23.17
CA LYS A 50 15.82 11.32 -21.91
C LYS A 50 17.09 12.16 -21.95
N ARG A 51 17.29 12.96 -20.92
CA ARG A 51 18.50 13.76 -20.80
C ARG A 51 19.76 12.90 -20.71
N SER A 52 19.60 11.64 -20.32
CA SER A 52 20.72 10.70 -20.26
C SER A 52 21.03 10.07 -21.60
N GLY A 53 20.25 10.35 -22.64
CA GLY A 53 20.42 9.75 -23.94
C GLY A 53 19.71 8.42 -24.13
N VAL A 54 19.06 7.91 -23.09
CA VAL A 54 18.33 6.65 -23.19
C VAL A 54 16.96 6.92 -23.80
N THR A 55 16.27 5.86 -24.22
CA THR A 55 14.99 5.98 -24.89
C THR A 55 13.91 5.29 -24.05
N GLU A 56 12.80 5.99 -23.82
CA GLU A 56 11.70 5.46 -23.03
C GLU A 56 10.39 5.68 -23.77
N PRO A 57 9.42 4.79 -23.61
CA PRO A 57 8.10 5.03 -24.19
C PRO A 57 7.46 6.26 -23.58
N PHE A 58 6.73 7.01 -24.41
CA PHE A 58 6.07 8.22 -23.96
C PHE A 58 4.94 7.83 -23.01
N SER A 59 5.11 8.12 -21.73
CA SER A 59 4.16 7.70 -20.70
C SER A 59 3.32 8.91 -20.27
N ARG A 60 2.01 8.71 -20.18
CA ARG A 60 1.13 9.75 -19.69
C ARG A 60 1.45 10.12 -18.24
N THR A 61 1.70 9.11 -17.41
CA THR A 61 1.79 9.35 -15.97
C THR A 61 3.00 10.20 -15.61
N LYS A 62 4.06 10.19 -16.43
CA LYS A 62 5.19 11.06 -16.15
C LYS A 62 4.79 12.54 -16.28
N VAL A 63 4.10 12.88 -17.38
CA VAL A 63 3.60 14.23 -17.56
C VAL A 63 2.60 14.57 -16.46
N ILE A 64 1.74 13.62 -16.11
CA ILE A 64 0.74 13.85 -15.07
C ILE A 64 1.40 14.17 -13.74
N ASN A 65 2.41 13.39 -13.37
CA ASN A 65 3.11 13.61 -12.10
C ASN A 65 3.88 14.93 -12.12
N GLY A 66 4.50 15.26 -13.25
CA GLY A 66 5.19 16.54 -13.33
C GLY A 66 4.25 17.72 -13.14
N VAL A 67 3.10 17.68 -13.81
CA VAL A 67 2.12 18.74 -13.66
C VAL A 67 1.57 18.77 -12.24
N ARG A 68 1.35 17.63 -11.63
CA ARG A 68 0.71 17.64 -10.30
C ARG A 68 1.68 18.24 -9.30
N LYS A 69 2.97 17.94 -9.43
CA LYS A 69 3.97 18.48 -8.51
C LYS A 69 4.00 19.99 -8.67
N ALA A 70 3.95 20.51 -9.89
CA ALA A 70 3.95 21.95 -10.19
C ALA A 70 2.70 22.60 -9.62
N CYS A 71 1.57 21.92 -9.69
CA CYS A 71 0.27 22.49 -9.29
C CYS A 71 -0.02 22.32 -7.80
N GLN A 72 0.86 21.72 -7.02
CA GLN A 72 0.44 21.42 -5.62
C GLN A 72 0.09 22.74 -4.97
N GLY A 73 -1.07 22.80 -4.31
CA GLY A 73 -1.52 24.02 -3.63
C GLY A 73 -2.18 25.00 -4.57
N ARG A 74 -2.31 24.67 -5.86
CA ARG A 74 -3.04 25.52 -6.82
C ARG A 74 -4.32 24.76 -7.13
N PRO A 75 -5.45 25.37 -7.55
CA PRO A 75 -6.73 24.67 -7.68
C PRO A 75 -6.90 23.65 -8.79
N VAL A 76 -5.86 23.34 -9.57
CA VAL A 76 -6.05 22.41 -10.73
C VAL A 76 -6.61 21.06 -10.25
N THR A 77 -7.83 20.71 -10.69
CA THR A 77 -8.44 19.39 -10.35
C THR A 77 -7.72 18.26 -11.08
N GLU A 78 -7.70 17.06 -10.49
CA GLU A 78 -7.06 15.88 -11.14
C GLU A 78 -7.58 15.72 -12.58
N ASP A 79 -8.80 16.15 -12.87
CA ASP A 79 -9.33 16.08 -14.23
C ASP A 79 -8.65 17.07 -15.16
N ALA A 80 -8.41 18.30 -14.69
CA ALA A 80 -7.79 19.32 -15.54
C ALA A 80 -6.37 18.92 -15.94
N LEU A 81 -5.58 18.44 -14.99
CA LEU A 81 -4.22 18.02 -15.31
C LEU A 81 -4.20 16.75 -16.16
N ALA A 82 -5.18 15.87 -15.97
CA ALA A 82 -5.25 14.68 -16.85
C ALA A 82 -5.50 15.18 -18.28
N GLN A 83 -6.35 16.19 -18.41
CA GLN A 83 -6.60 16.77 -19.75
C GLN A 83 -5.30 17.38 -20.26
N LEU A 84 -4.53 18.06 -19.40
CA LEU A 84 -3.31 18.72 -19.91
C LEU A 84 -2.45 17.61 -20.49
N GLY A 85 -2.44 16.49 -19.78
CA GLY A 85 -1.58 15.40 -20.24
C GLY A 85 -2.07 14.78 -21.53
N GLN A 86 -3.39 14.63 -21.65
CA GLN A 86 -3.96 14.14 -22.91
C GLN A 86 -3.63 15.07 -24.06
N ARG A 87 -3.77 16.37 -23.79
CA ARG A 87 -3.48 17.39 -24.82
C ARG A 87 -2.02 17.29 -25.23
N VAL A 88 -1.12 17.02 -24.27
CA VAL A 88 0.33 17.02 -24.59
C VAL A 88 0.62 15.76 -25.43
N GLU A 89 0.04 14.64 -25.04
CA GLU A 89 0.26 13.43 -25.83
C GLU A 89 -0.27 13.61 -27.24
N GLU A 90 -1.44 14.23 -27.39
CA GLU A 90 -1.99 14.47 -28.72
C GLU A 90 -1.08 15.38 -29.53
N ALA A 91 -0.53 16.42 -28.90
CA ALA A 91 0.35 17.33 -29.62
C ALA A 91 1.65 16.64 -30.05
N VAL A 92 2.23 15.82 -29.18
CA VAL A 92 3.57 15.25 -29.52
C VAL A 92 3.42 14.08 -30.48
N ARG A 93 2.37 13.26 -30.34
CA ARG A 93 2.14 12.21 -31.34
C ARG A 93 1.90 12.93 -32.67
N ALA A 94 1.14 14.03 -32.64
CA ALA A 94 0.80 14.78 -33.85
C ALA A 94 2.07 15.24 -34.56
N THR A 95 3.00 15.89 -33.85
CA THR A 95 4.22 16.43 -34.52
C THR A 95 4.74 15.36 -35.47
N GLY A 96 4.46 14.09 -35.17
CA GLY A 96 4.81 13.04 -36.11
C GLY A 96 6.28 12.67 -36.13
N SER A 97 7.04 13.08 -35.13
CA SER A 97 8.46 12.75 -35.10
C SER A 97 8.71 11.30 -34.72
N ALA A 98 7.91 10.75 -33.81
CA ALA A 98 7.98 9.38 -33.29
C ALA A 98 9.24 9.13 -32.47
N GLU A 99 10.15 10.10 -32.37
CA GLU A 99 11.34 10.00 -31.53
C GLU A 99 11.72 11.42 -31.15
N LEU A 100 11.29 11.85 -29.97
CA LEU A 100 11.46 13.23 -29.55
C LEU A 100 12.20 13.29 -28.22
N THR A 101 13.04 14.31 -28.06
CA THR A 101 13.72 14.51 -26.80
C THR A 101 12.73 14.97 -25.74
N THR A 102 13.01 14.65 -24.48
CA THR A 102 12.16 15.11 -23.39
C THR A 102 12.17 16.62 -23.27
N HIS A 103 13.13 17.31 -23.88
CA HIS A 103 13.04 18.76 -24.01
C HIS A 103 11.81 19.15 -24.82
N ASP A 104 11.55 18.44 -25.91
CA ASP A 104 10.33 18.69 -26.69
C ASP A 104 9.08 18.40 -25.86
N VAL A 105 9.12 17.35 -25.04
CA VAL A 105 7.98 17.05 -24.18
C VAL A 105 7.76 18.17 -23.18
N GLY A 106 8.83 18.69 -22.59
CA GLY A 106 8.70 19.78 -21.66
C GLY A 106 8.13 21.04 -22.29
N LEU A 107 8.60 21.36 -23.51
CA LEU A 107 8.05 22.51 -24.21
C LEU A 107 6.58 22.29 -24.55
N ALA A 108 6.24 21.06 -24.94
CA ALA A 108 4.83 20.74 -25.27
C ALA A 108 3.94 21.00 -24.05
N ILE A 109 4.32 20.53 -22.85
CA ILE A 109 3.52 20.74 -21.61
C ILE A 109 3.43 22.22 -21.22
N LEU A 110 4.50 22.99 -21.37
CA LEU A 110 4.50 24.39 -20.83
C LEU A 110 3.43 25.26 -21.50
N GLY A 111 3.25 25.21 -22.82
CA GLY A 111 2.27 26.15 -23.43
C GLY A 111 0.85 25.92 -22.91
N PRO A 112 0.33 24.69 -22.80
CA PRO A 112 -0.96 24.41 -22.15
C PRO A 112 -0.98 24.79 -20.66
N LEU A 113 0.11 24.56 -19.93
CA LEU A 113 0.10 24.83 -18.48
C LEU A 113 -0.01 26.34 -18.24
N GLN A 114 0.45 27.17 -19.18
CA GLN A 114 0.27 28.63 -19.01
C GLN A 114 -1.23 28.94 -18.96
N GLU A 115 -2.01 28.27 -19.81
CA GLU A 115 -3.49 28.44 -19.77
C GLU A 115 -4.04 27.82 -18.48
N LEU A 116 -3.57 26.63 -18.10
CA LEU A 116 -4.11 25.93 -16.90
C LEU A 116 -3.80 26.69 -15.61
N ASP A 117 -2.58 27.23 -15.45
CA ASP A 117 -2.15 27.91 -14.20
C ASP A 117 -0.79 28.59 -14.37
N LEU A 118 -0.68 29.85 -13.95
CA LEU A 118 0.60 30.61 -14.05
C LEU A 118 1.52 30.32 -12.87
N VAL A 119 0.98 30.16 -11.67
CA VAL A 119 1.87 29.77 -10.53
C VAL A 119 2.49 28.41 -10.86
N ALA A 120 1.68 27.49 -11.39
CA ALA A 120 2.20 26.19 -11.83
C ALA A 120 3.19 26.43 -12.95
N TYR A 121 2.95 27.34 -13.88
CA TYR A 121 3.95 27.47 -14.97
C TYR A 121 5.27 27.89 -14.36
N LEU A 122 5.25 28.84 -13.44
CA LEU A 122 6.54 29.29 -12.90
C LEU A 122 7.18 28.13 -12.15
N ARG A 123 6.40 27.36 -11.40
CA ARG A 123 6.90 26.20 -10.63
C ARG A 123 7.34 25.09 -11.57
N PHE A 124 6.65 24.88 -12.69
CA PHE A 124 7.10 23.89 -13.66
C PHE A 124 8.31 24.41 -14.43
N ALA A 125 8.29 25.67 -14.85
CA ALA A 125 9.44 26.22 -15.54
C ALA A 125 10.66 26.30 -14.64
N SER A 126 10.41 26.44 -13.35
CA SER A 126 11.52 26.63 -12.40
C SER A 126 12.26 25.35 -12.19
N VAL A 127 11.49 24.29 -12.12
CA VAL A 127 12.10 22.98 -11.93
C VAL A 127 12.66 22.44 -13.24
N TYR A 128 11.88 22.57 -14.34
CA TYR A 128 12.27 22.09 -15.69
C TYR A 128 13.54 22.77 -16.12
N ARG A 129 13.49 24.08 -16.34
CA ARG A 129 14.70 24.86 -16.56
C ARG A 129 15.45 25.00 -15.25
N ALA A 130 16.73 25.41 -15.33
CA ALA A 130 17.59 25.47 -14.12
C ALA A 130 17.08 26.49 -13.10
N PHE A 131 16.85 27.75 -13.51
CA PHE A 131 16.39 28.83 -12.59
C PHE A 131 17.38 29.04 -11.44
N ASP A 132 18.69 28.97 -11.73
CA ASP A 132 19.76 29.12 -10.70
C ASP A 132 19.47 30.27 -9.72
N SER A 133 19.11 31.46 -10.21
CA SER A 133 18.89 32.63 -9.32
C SER A 133 17.51 33.27 -9.53
N LEU A 134 17.14 34.23 -8.67
CA LEU A 134 15.88 34.94 -8.83
C LEU A 134 15.80 35.64 -10.18
N GLU A 135 16.95 35.91 -10.80
CA GLU A 135 16.95 36.58 -12.10
C GLU A 135 16.25 35.75 -13.16
N ASP A 136 16.40 34.42 -13.09
CA ASP A 136 15.67 33.55 -14.01
C ASP A 136 14.17 33.62 -13.78
N PHE A 137 13.76 33.67 -12.53
CA PHE A 137 12.31 33.83 -12.27
C PHE A 137 11.82 35.19 -12.76
N GLU A 138 12.62 36.28 -12.65
CA GLU A 138 12.18 37.57 -13.17
C GLU A 138 12.12 37.57 -14.69
N ALA A 139 13.09 36.92 -15.35
CA ALA A 139 13.06 36.82 -16.80
C ALA A 139 11.84 36.04 -17.28
N ALA A 140 11.55 34.91 -16.63
CA ALA A 140 10.37 34.13 -16.99
C ALA A 140 9.10 34.92 -16.72
N ILE A 141 9.06 35.67 -15.62
CA ILE A 141 7.90 36.49 -15.31
C ILE A 141 7.69 37.54 -16.39
N ALA A 142 8.79 38.19 -16.76
CA ALA A 142 8.75 39.17 -17.85
C ALA A 142 8.16 38.48 -19.06
N GLU A 143 8.60 37.25 -19.34
CA GLU A 143 8.15 36.52 -20.55
C GLU A 143 6.65 36.28 -20.46
N LEU A 144 6.13 36.01 -19.28
CA LEU A 144 4.68 35.70 -19.14
C LEU A 144 3.90 37.01 -19.20
N ARG A 145 4.46 38.12 -18.71
CA ARG A 145 3.81 39.46 -18.87
C ARG A 145 3.68 39.77 -20.36
N GLU A 146 4.80 39.72 -21.12
CA GLU A 146 4.79 39.91 -22.57
C GLU A 146 3.54 39.30 -23.21
N THR A 147 3.32 38.02 -22.98
CA THR A 147 2.13 37.34 -23.53
C THR A 147 0.87 37.78 -22.78
N MET B 1 5.31 18.16 34.94
CA MET B 1 6.21 19.13 34.30
C MET B 1 5.42 20.37 33.89
N HIS B 2 6.19 21.45 33.65
CA HIS B 2 5.51 22.71 33.30
C HIS B 2 4.61 22.44 32.10
N CYS B 3 3.33 22.91 32.24
CA CYS B 3 2.48 22.74 31.08
C CYS B 3 3.09 23.48 29.90
N PRO B 4 3.14 22.87 28.71
CA PRO B 4 3.79 23.54 27.57
C PRO B 4 3.03 24.74 27.04
N PHE B 5 1.77 24.86 27.47
CA PHE B 5 0.86 25.92 26.95
C PHE B 5 0.69 27.11 27.91
N CYS B 6 0.78 26.92 29.24
CA CYS B 6 0.64 27.96 30.24
C CYS B 6 1.71 27.94 31.31
N ARG B 7 2.59 26.93 31.31
CA ARG B 7 3.72 26.82 32.24
C ARG B 7 3.23 26.79 33.70
N HIS B 8 2.41 25.79 33.99
CA HIS B 8 2.01 25.51 35.37
C HIS B 8 2.93 24.46 35.98
N PRO B 9 3.52 24.75 37.14
CA PRO B 9 4.60 23.89 37.65
C PRO B 9 4.21 22.43 37.84
N ASP B 10 2.96 22.14 38.16
CA ASP B 10 2.50 20.78 38.39
C ASP B 10 1.50 20.37 37.31
N SER B 11 1.62 19.10 36.87
CA SER B 11 0.74 18.53 35.81
C SER B 11 0.59 17.02 36.02
N ARG B 12 -0.62 16.55 36.32
CA ARG B 12 -0.84 15.13 36.70
C ARG B 12 -0.91 14.17 35.54
N VAL B 13 -0.38 12.97 35.71
CA VAL B 13 -0.32 11.96 34.63
C VAL B 13 -1.67 11.23 34.50
N VAL B 14 -2.61 11.74 33.70
CA VAL B 14 -3.91 11.09 33.50
C VAL B 14 -3.73 9.61 33.19
N ASP B 15 -2.79 9.29 32.29
CA ASP B 15 -2.61 7.91 31.86
C ASP B 15 -1.16 7.72 31.44
N SER B 16 -0.74 6.46 31.45
CA SER B 16 0.65 6.14 31.09
C SER B 16 0.69 4.77 30.43
N ARG B 17 1.08 4.71 29.16
CA ARG B 17 1.22 3.41 28.46
C ARG B 17 2.65 3.24 27.99
N THR B 18 3.26 2.09 28.26
CA THR B 18 4.67 1.92 27.88
C THR B 18 4.75 1.36 26.46
N THR B 19 5.93 1.41 25.86
CA THR B 19 6.11 0.74 24.55
C THR B 19 6.76 -0.60 24.89
N ASP B 20 6.26 -1.72 24.38
CA ASP B 20 6.81 -3.03 24.81
C ASP B 20 8.27 -3.24 24.39
N ASP B 21 8.60 -2.90 23.16
CA ASP B 21 9.98 -3.09 22.65
C ASP B 21 10.63 -1.73 22.80
N GLY B 22 9.85 -0.65 22.71
CA GLY B 22 10.42 0.69 22.90
C GLY B 22 10.78 1.00 24.32
N THR B 23 11.91 1.70 24.54
CA THR B 23 12.23 2.13 25.91
C THR B 23 11.54 3.46 26.10
N SER B 24 10.27 3.51 25.70
CA SER B 24 9.53 4.78 25.71
C SER B 24 8.26 4.56 26.49
N ILE B 25 7.91 5.46 27.37
CA ILE B 25 6.60 5.29 28.03
C ILE B 25 5.80 6.52 27.64
N ARG B 26 4.61 6.35 27.07
CA ARG B 26 3.79 7.48 26.58
C ARG B 26 2.77 7.83 27.64
N ARG B 27 2.78 9.04 28.13
CA ARG B 27 1.95 9.50 29.22
C ARG B 27 1.08 10.67 28.77
N ARG B 28 -0.22 10.58 29.05
CA ARG B 28 -1.14 11.69 28.90
C ARG B 28 -1.26 12.40 30.24
N ARG B 29 -0.96 13.70 30.26
CA ARG B 29 -0.93 14.48 31.49
C ARG B 29 -1.90 15.65 31.40
N GLN B 30 -2.61 15.89 32.51
CA GLN B 30 -3.51 17.02 32.65
C GLN B 30 -2.82 18.16 33.38
N CYS B 31 -3.05 19.38 32.89
CA CYS B 31 -2.59 20.58 33.58
C CYS B 31 -3.75 21.17 34.36
N PRO B 32 -3.64 21.29 35.69
CA PRO B 32 -4.77 21.82 36.47
C PRO B 32 -5.13 23.26 36.13
N ASP B 33 -4.23 24.03 35.54
CA ASP B 33 -4.51 25.44 35.29
C ASP B 33 -5.47 25.62 34.12
N CYS B 34 -5.06 25.20 32.93
CA CYS B 34 -5.86 25.41 31.72
C CYS B 34 -6.69 24.19 31.34
N SER B 35 -6.54 23.07 32.04
CA SER B 35 -7.30 21.85 31.79
C SER B 35 -7.13 21.38 30.34
N ARG B 36 -5.86 21.13 29.98
CA ARG B 36 -5.51 20.70 28.59
C ARG B 36 -4.61 19.48 28.65
N ARG B 37 -5.03 18.37 28.03
CA ARG B 37 -4.20 17.19 27.92
C ARG B 37 -2.92 17.52 27.15
N PHE B 38 -1.84 16.83 27.49
CA PHE B 38 -0.65 16.88 26.66
C PHE B 38 0.11 15.57 26.81
N THR B 39 0.76 15.16 25.73
CA THR B 39 1.40 13.85 25.64
C THR B 39 2.91 13.99 25.79
N THR B 40 3.49 13.14 26.61
CA THR B 40 4.94 13.13 26.84
C THR B 40 5.47 11.72 26.65
N VAL B 41 6.71 11.63 26.21
CA VAL B 41 7.29 10.31 25.90
C VAL B 41 8.57 10.26 26.71
N GLU B 42 8.76 9.19 27.47
CA GLU B 42 9.94 9.14 28.37
C GLU B 42 10.90 8.13 27.79
N THR B 43 12.10 8.54 27.43
CA THR B 43 13.03 7.61 26.73
C THR B 43 14.48 7.98 26.98
N CYS B 44 15.34 6.99 27.27
CA CYS B 44 16.78 7.31 27.31
C CYS B 44 17.09 7.70 25.86
N SER B 45 17.83 8.78 25.64
CA SER B 45 17.97 9.26 24.23
C SER B 45 19.20 8.69 23.55
N LEU B 46 19.02 7.68 22.68
CA LEU B 46 20.20 7.27 21.90
C LEU B 46 20.08 8.15 20.69
N MET B 47 21.09 8.95 20.44
CA MET B 47 20.96 9.94 19.37
C MET B 47 22.23 9.85 18.56
N VAL B 48 22.12 9.26 17.39
CA VAL B 48 23.24 9.04 16.48
C VAL B 48 23.47 10.30 15.67
N VAL B 49 24.74 10.63 15.50
CA VAL B 49 25.18 11.74 14.67
C VAL B 49 25.45 11.19 13.28
N LYS B 50 24.61 11.56 12.32
CA LYS B 50 24.76 11.08 10.96
C LYS B 50 26.04 11.64 10.33
N ARG B 51 26.36 11.11 9.15
CA ARG B 51 27.52 11.61 8.41
C ARG B 51 27.38 13.06 8.03
N SER B 52 26.15 13.58 8.00
CA SER B 52 25.90 14.99 7.71
C SER B 52 26.05 15.88 8.93
N GLY B 53 26.31 15.31 10.11
CA GLY B 53 26.42 16.07 11.33
C GLY B 53 25.11 16.29 12.06
N VAL B 54 23.99 15.84 11.49
CA VAL B 54 22.69 15.99 12.12
C VAL B 54 22.51 14.88 13.14
N THR B 55 21.51 15.01 14.00
CA THR B 55 21.26 14.06 15.08
C THR B 55 19.90 13.42 14.90
N GLU B 56 19.85 12.09 14.96
CA GLU B 56 18.62 11.33 14.80
C GLU B 56 18.48 10.32 15.92
N PRO B 57 17.25 10.03 16.34
CA PRO B 57 17.06 8.96 17.33
C PRO B 57 17.50 7.62 16.76
N PHE B 58 18.09 6.80 17.63
CA PHE B 58 18.58 5.48 17.23
C PHE B 58 17.37 4.61 16.90
N SER B 59 17.19 4.31 15.62
CA SER B 59 16.02 3.57 15.16
C SER B 59 16.43 2.14 14.83
N ARG B 60 15.63 1.18 15.31
CA ARG B 60 15.86 -0.23 14.98
C ARG B 60 15.74 -0.48 13.49
N THR B 61 14.73 0.11 12.85
CA THR B 61 14.41 -0.25 11.48
C THR B 61 15.51 0.16 10.50
N LYS B 62 16.30 1.17 10.83
CA LYS B 62 17.42 1.53 9.96
C LYS B 62 18.46 0.41 9.92
N VAL B 63 18.83 -0.10 11.10
CA VAL B 63 19.74 -1.23 11.18
C VAL B 63 19.13 -2.45 10.50
N ILE B 64 17.84 -2.68 10.72
CA ILE B 64 17.17 -3.83 10.14
C ILE B 64 17.20 -3.75 8.61
N ASN B 65 16.91 -2.59 8.04
CA ASN B 65 16.92 -2.43 6.60
C ASN B 65 18.33 -2.55 6.04
N GLY B 66 19.33 -2.01 6.74
CA GLY B 66 20.70 -2.16 6.28
C GLY B 66 21.13 -3.62 6.22
N VAL B 67 20.81 -4.37 7.28
CA VAL B 67 21.15 -5.79 7.30
C VAL B 67 20.38 -6.53 6.22
N ARG B 68 19.13 -6.20 6.01
CA ARG B 68 18.33 -6.99 5.06
C ARG B 68 18.86 -6.77 3.66
N LYS B 69 19.28 -5.55 3.34
CA LYS B 69 19.81 -5.25 2.01
C LYS B 69 21.09 -6.05 1.83
N ALA B 70 21.95 -6.12 2.83
CA ALA B 70 23.22 -6.87 2.80
C ALA B 70 22.94 -8.35 2.64
N CYS B 71 21.90 -8.86 3.27
CA CYS B 71 21.61 -10.30 3.30
C CYS B 71 20.74 -10.75 2.12
N GLN B 72 20.38 -9.88 1.19
CA GLN B 72 19.41 -10.34 0.17
C GLN B 72 20.04 -11.50 -0.56
N GLY B 73 19.31 -12.60 -0.71
CA GLY B 73 19.81 -13.79 -1.42
C GLY B 73 20.65 -14.68 -0.52
N ARG B 74 20.83 -14.31 0.76
CA ARG B 74 21.54 -15.18 1.72
C ARG B 74 20.45 -15.70 2.67
N PRO B 75 20.59 -16.86 3.35
CA PRO B 75 19.48 -17.46 4.10
C PRO B 75 19.02 -16.78 5.38
N VAL B 76 19.55 -15.61 5.74
CA VAL B 76 19.18 -14.99 7.06
C VAL B 76 17.65 -14.78 7.13
N THR B 77 16.98 -15.45 8.07
CA THR B 77 15.51 -15.28 8.28
C THR B 77 15.23 -13.91 8.89
N GLU B 78 14.05 -13.34 8.61
CA GLU B 78 13.65 -12.03 9.19
C GLU B 78 13.84 -12.03 10.72
N ASP B 79 13.75 -13.20 11.37
CA ASP B 79 13.97 -13.30 12.81
C ASP B 79 15.43 -13.12 13.17
N ALA B 80 16.33 -13.72 12.39
CA ALA B 80 17.77 -13.62 12.70
C ALA B 80 18.26 -12.18 12.60
N LEU B 81 17.87 -11.47 11.54
CA LEU B 81 18.29 -10.09 11.38
C LEU B 81 17.62 -9.18 12.41
N ALA B 82 16.38 -9.49 12.80
CA ALA B 82 15.74 -8.70 13.87
C ALA B 82 16.58 -8.87 15.14
N GLN B 83 17.05 -10.09 15.38
CA GLN B 83 17.91 -10.34 16.55
C GLN B 83 19.19 -9.54 16.39
N LEU B 84 19.76 -9.49 15.17
CA LEU B 84 21.05 -8.77 15.01
C LEU B 84 20.78 -7.35 15.44
N GLY B 85 19.62 -6.85 15.03
CA GLY B 85 19.33 -5.46 15.33
C GLY B 85 19.11 -5.23 16.81
N GLN B 86 18.43 -6.17 17.48
CA GLN B 86 18.26 -6.08 18.92
C GLN B 86 19.61 -6.09 19.64
N ARG B 87 20.47 -6.99 19.17
CA ARG B 87 21.81 -7.12 19.77
C ARG B 87 22.57 -5.81 19.59
N VAL B 88 22.40 -5.15 18.43
CA VAL B 88 23.19 -3.92 18.17
C VAL B 88 22.64 -2.82 19.07
N GLU B 89 21.32 -2.72 19.18
CA GLU B 89 20.77 -1.70 20.06
C GLU B 89 21.22 -1.92 21.50
N GLU B 90 21.23 -3.17 21.94
CA GLU B 90 21.68 -3.46 23.30
C GLU B 90 23.14 -3.08 23.48
N ALA B 91 23.99 -3.36 22.49
CA ALA B 91 25.40 -3.02 22.60
C ALA B 91 25.61 -1.51 22.63
N VAL B 92 24.88 -0.77 21.80
CA VAL B 92 25.19 0.70 21.69
C VAL B 92 24.55 1.44 22.88
N ARG B 93 23.37 1.04 23.32
CA ARG B 93 22.81 1.67 24.54
C ARG B 93 23.78 1.35 25.67
N ALA B 94 24.29 0.11 25.70
CA ALA B 94 25.22 -0.33 26.76
C ALA B 94 26.44 0.57 26.81
N THR B 95 27.11 0.80 25.68
CA THR B 95 28.35 1.61 25.69
C THR B 95 28.11 2.83 26.56
N GLY B 96 26.86 3.26 26.68
CA GLY B 96 26.54 4.33 27.60
C GLY B 96 26.94 5.72 27.14
N SER B 97 27.23 5.89 25.85
CA SER B 97 27.61 7.20 25.34
C SER B 97 26.42 8.13 25.21
N ALA B 98 25.26 7.61 24.82
CA ALA B 98 24.01 8.33 24.62
C ALA B 98 24.07 9.30 23.45
N GLU B 99 25.23 9.45 22.80
CA GLU B 99 25.36 10.29 21.62
C GLU B 99 26.52 9.72 20.82
N LEU B 100 26.20 8.87 19.84
CA LEU B 100 27.22 8.14 19.10
C LEU B 100 27.11 8.42 17.60
N THR B 101 28.24 8.48 16.93
CA THR B 101 28.23 8.65 15.48
C THR B 101 27.74 7.37 14.83
N THR B 102 27.12 7.51 13.65
CA THR B 102 26.67 6.34 12.91
C THR B 102 27.83 5.46 12.48
N HIS B 103 29.06 5.98 12.51
CA HIS B 103 30.22 5.11 12.36
C HIS B 103 30.28 4.07 13.48
N ASP B 104 30.01 4.50 14.71
CA ASP B 104 29.96 3.56 15.81
C ASP B 104 28.83 2.55 15.61
N VAL B 105 27.69 2.99 15.10
CA VAL B 105 26.59 2.07 14.83
C VAL B 105 26.99 1.04 13.78
N GLY B 106 27.67 1.49 12.73
CA GLY B 106 28.12 0.56 11.70
C GLY B 106 29.11 -0.45 12.23
N LEU B 107 30.05 -0.01 13.06
CA LEU B 107 31.00 -0.95 13.67
C LEU B 107 30.28 -1.93 14.60
N ALA B 108 29.29 -1.43 15.33
CA ALA B 108 28.50 -2.29 16.24
C ALA B 108 27.83 -3.41 15.43
N ILE B 109 27.17 -3.09 14.32
CA ILE B 109 26.47 -4.11 13.47
C ILE B 109 27.46 -5.11 12.85
N LEU B 110 28.64 -4.65 12.39
CA LEU B 110 29.54 -5.56 11.62
C LEU B 110 30.00 -6.77 12.45
N GLY B 111 30.38 -6.61 13.72
CA GLY B 111 30.91 -7.78 14.44
C GLY B 111 29.88 -8.89 14.58
N PRO B 112 28.61 -8.64 14.94
CA PRO B 112 27.54 -9.64 14.92
C PRO B 112 27.25 -10.19 13.51
N LEU B 113 27.30 -9.34 12.49
CA LEU B 113 26.95 -9.81 11.11
C LEU B 113 28.00 -10.80 10.63
N GLN B 114 29.25 -10.71 11.12
CA GLN B 114 30.26 -11.71 10.72
C GLN B 114 29.80 -13.09 11.20
N GLU B 115 29.23 -13.17 12.41
CA GLU B 115 28.67 -14.44 12.91
C GLU B 115 27.42 -14.81 12.10
N LEU B 116 26.54 -13.84 11.83
CA LEU B 116 25.27 -14.13 11.11
C LEU B 116 25.52 -14.59 9.67
N ASP B 117 26.44 -13.94 8.94
CA ASP B 117 26.70 -14.25 7.50
C ASP B 117 27.94 -13.52 6.98
N LEU B 118 28.84 -14.23 6.30
CA LEU B 118 30.08 -13.62 5.73
C LEU B 118 29.81 -12.97 4.38
N VAL B 119 28.97 -13.55 3.54
CA VAL B 119 28.63 -12.86 2.25
C VAL B 119 27.95 -11.54 2.61
N ALA B 120 27.06 -11.55 3.58
CA ALA B 120 26.43 -10.31 4.05
C ALA B 120 27.51 -9.42 4.62
N TYR B 121 28.49 -9.92 5.36
CA TYR B 121 29.46 -8.98 5.92
C TYR B 121 30.18 -8.30 4.77
N LEU B 122 30.57 -9.03 3.75
CA LEU B 122 31.33 -8.37 2.68
C LEU B 122 30.40 -7.37 2.00
N ARG B 123 29.13 -7.71 1.79
CA ARG B 123 28.15 -6.82 1.15
C ARG B 123 27.83 -5.64 2.06
N PHE B 124 27.78 -5.84 3.37
CA PHE B 124 27.58 -4.72 4.28
C PHE B 124 28.84 -3.87 4.39
N ALA B 125 30.00 -4.52 4.50
CA ALA B 125 31.25 -3.77 4.57
C ALA B 125 31.51 -3.03 3.28
N SER B 126 31.01 -3.58 2.18
CA SER B 126 31.31 -3.00 0.86
C SER B 126 30.54 -1.74 0.66
N VAL B 127 29.31 -1.77 1.12
CA VAL B 127 28.48 -0.58 0.98
C VAL B 127 28.82 0.45 2.06
N TYR B 128 28.99 -0.02 3.31
CA TYR B 128 29.30 0.85 4.48
C TYR B 128 30.60 1.57 4.23
N ARG B 129 31.71 0.84 4.16
CA ARG B 129 32.97 1.41 3.74
C ARG B 129 32.93 1.64 2.24
N ALA B 130 33.87 2.47 1.73
CA ALA B 130 33.86 2.85 0.30
C ALA B 130 34.05 1.66 -0.64
N PHE B 131 35.09 0.84 -0.44
CA PHE B 131 35.39 -0.33 -1.31
C PHE B 131 35.57 0.11 -2.78
N ASP B 132 36.23 1.24 -3.02
CA ASP B 132 36.44 1.79 -4.39
C ASP B 132 36.85 0.72 -5.39
N SER B 133 37.82 -0.14 -5.05
CA SER B 133 38.31 -1.16 -6.02
C SER B 133 38.27 -2.59 -5.43
N LEU B 134 38.52 -3.60 -6.27
CA LEU B 134 38.57 -4.98 -5.78
C LEU B 134 39.61 -5.15 -4.69
N GLU B 135 40.60 -4.25 -4.63
CA GLU B 135 41.64 -4.36 -3.61
C GLU B 135 41.05 -4.22 -2.21
N ASP B 136 40.04 -3.37 -2.05
CA ASP B 136 39.38 -3.26 -0.76
C ASP B 136 38.65 -4.55 -0.41
N PHE B 137 38.02 -5.18 -1.38
CA PHE B 137 37.37 -6.47 -1.09
C PHE B 137 38.42 -7.52 -0.75
N GLU B 138 39.61 -7.53 -1.38
CA GLU B 138 40.65 -8.50 -1.02
C GLU B 138 41.20 -8.22 0.38
N ALA B 139 41.39 -6.94 0.73
CA ALA B 139 41.86 -6.60 2.06
C ALA B 139 40.85 -7.02 3.12
N ALA B 140 39.57 -6.76 2.89
CA ALA B 140 38.54 -7.19 3.83
C ALA B 140 38.48 -8.71 3.93
N ILE B 141 38.62 -9.40 2.80
CA ILE B 141 38.63 -10.85 2.79
C ILE B 141 39.79 -11.38 3.62
N ALA B 142 40.95 -10.79 3.39
CA ALA B 142 42.14 -11.15 4.17
C ALA B 142 41.78 -10.96 5.63
N GLU B 143 41.13 -9.85 5.97
CA GLU B 143 40.80 -9.55 7.38
C GLU B 143 39.88 -10.64 7.95
N LEU B 144 38.96 -11.15 7.14
CA LEU B 144 37.99 -12.15 7.64
C LEU B 144 38.70 -13.50 7.72
N ARG B 145 39.66 -13.79 6.83
CA ARG B 145 40.48 -15.03 6.95
C ARG B 145 41.24 -14.99 8.27
N GLU B 146 42.01 -13.92 8.52
CA GLU B 146 42.73 -13.73 9.79
C GLU B 146 41.92 -14.23 10.97
N THR B 147 40.70 -13.74 11.13
CA THR B 147 39.83 -14.19 12.22
C THR B 147 39.30 -15.60 11.96
N MET C 1 -18.63 31.05 16.37
CA MET C 1 -19.54 30.14 17.07
C MET C 1 -19.03 29.85 18.47
N HIS C 2 -19.96 29.35 19.31
CA HIS C 2 -19.55 29.07 20.70
C HIS C 2 -18.35 28.17 20.67
N CYS C 3 -17.30 28.59 21.46
CA CYS C 3 -16.17 27.68 21.53
C CYS C 3 -16.62 26.32 22.07
N PRO C 4 -16.22 25.21 21.47
CA PRO C 4 -16.70 23.90 21.93
C PRO C 4 -16.17 23.49 23.29
N PHE C 5 -15.12 24.21 23.73
CA PHE C 5 -14.41 23.86 25.01
C PHE C 5 -14.81 24.74 26.20
N CYS C 6 -15.19 26.02 26.00
CA CYS C 6 -15.57 26.94 27.05
C CYS C 6 -16.85 27.71 26.73
N ARG C 7 -17.41 27.58 25.54
CA ARG C 7 -18.66 28.21 25.15
C ARG C 7 -18.58 29.73 25.25
N HIS C 8 -17.63 30.29 24.49
CA HIS C 8 -17.55 31.74 24.35
C HIS C 8 -18.28 32.18 23.08
N PRO C 9 -19.21 33.14 23.21
CA PRO C 9 -20.12 33.43 22.09
C PRO C 9 -19.44 33.81 20.79
N ASP C 10 -18.27 34.45 20.85
CA ASP C 10 -17.56 34.88 19.66
C ASP C 10 -16.24 34.11 19.53
N SER C 11 -15.92 33.74 18.28
CA SER C 11 -14.69 32.98 17.95
C SER C 11 -14.20 33.34 16.54
N ARG C 12 -13.03 33.95 16.41
CA ARG C 12 -12.56 34.47 15.10
C ARG C 12 -11.96 33.43 14.19
N VAL C 13 -12.18 33.56 12.89
CA VAL C 13 -11.70 32.57 11.89
C VAL C 13 -10.23 32.84 11.55
N VAL C 14 -9.27 32.26 12.29
CA VAL C 14 -7.84 32.42 12.00
C VAL C 14 -7.57 32.19 10.53
N ASP C 15 -8.12 31.11 9.96
CA ASP C 15 -7.83 30.75 8.59
C ASP C 15 -9.03 30.00 8.02
N SER C 16 -9.10 30.00 6.69
CA SER C 16 -10.23 29.33 6.01
C SER C 16 -9.74 28.78 4.68
N ARG C 17 -9.75 27.47 4.50
CA ARG C 17 -9.38 26.84 3.21
C ARG C 17 -10.55 26.05 2.66
N THR C 18 -10.90 26.25 1.40
CA THR C 18 -12.07 25.55 0.86
C THR C 18 -11.64 24.20 0.30
N THR C 19 -12.60 23.32 0.03
CA THR C 19 -12.25 22.06 -0.68
C THR C 19 -12.61 22.32 -2.14
N ASP C 20 -11.71 22.04 -3.08
CA ASP C 20 -12.01 22.41 -4.49
C ASP C 20 -13.20 21.67 -5.09
N ASP C 21 -13.29 20.36 -4.86
CA ASP C 21 -14.39 19.55 -5.41
C ASP C 21 -15.40 19.44 -4.26
N GLY C 22 -14.92 19.46 -3.02
CA GLY C 22 -15.83 19.40 -1.87
C GLY C 22 -16.62 20.68 -1.67
N THR C 23 -17.90 20.56 -1.29
CA THR C 23 -18.67 21.79 -0.96
C THR C 23 -18.41 22.03 0.51
N SER C 24 -17.13 21.95 0.88
CA SER C 24 -16.78 22.06 2.31
C SER C 24 -15.72 23.12 2.44
N ILE C 25 -15.87 24.01 3.41
CA ILE C 25 -14.76 24.99 3.59
C ILE C 25 -14.24 24.71 4.99
N ARG C 26 -12.94 24.46 5.13
CA ARG C 26 -12.34 24.11 6.45
C ARG C 26 -11.75 25.36 7.06
N ARG C 27 -12.19 25.74 8.23
CA ARG C 27 -11.81 26.98 8.90
C ARG C 27 -11.18 26.66 10.24
N ARG C 28 -10.02 27.25 10.51
CA ARG C 28 -9.41 27.25 11.83
C ARG C 28 -9.82 28.53 12.55
N ARG C 29 -10.44 28.38 13.73
CA ARG C 29 -10.99 29.50 14.47
C ARG C 29 -10.36 29.57 15.86
N GLN C 30 -10.04 30.80 16.28
CA GLN C 30 -9.52 31.07 17.61
C GLN C 30 -10.64 31.53 18.54
N CYS C 31 -10.62 31.03 19.77
CA CYS C 31 -11.52 31.49 20.81
C CYS C 31 -10.81 32.49 21.69
N PRO C 32 -11.27 33.74 21.78
CA PRO C 32 -10.56 34.73 22.58
C PRO C 32 -10.50 34.40 24.07
N ASP C 33 -11.39 33.54 24.57
CA ASP C 33 -11.43 33.27 26.01
C ASP C 33 -10.28 32.36 26.44
N CYS C 34 -10.24 31.14 25.91
CA CYS C 34 -9.24 30.16 26.32
C CYS C 34 -8.06 30.08 25.36
N SER C 35 -8.10 30.80 24.25
CA SER C 35 -7.01 30.83 23.26
C SER C 35 -6.68 29.42 22.77
N ARG C 36 -7.70 28.76 22.18
CA ARG C 36 -7.57 27.38 21.67
C ARG C 36 -8.11 27.30 20.26
N ARG C 37 -7.27 26.88 19.30
CA ARG C 37 -7.72 26.66 17.94
C ARG C 37 -8.79 25.58 17.91
N PHE C 38 -9.72 25.70 16.95
CA PHE C 38 -10.63 24.59 16.68
C PHE C 38 -11.04 24.65 15.23
N THR C 39 -11.27 23.47 14.65
CA THR C 39 -11.50 23.33 13.22
C THR C 39 -12.98 23.09 12.96
N THR C 40 -13.52 23.80 11.98
CA THR C 40 -14.92 23.67 11.60
C THR C 40 -15.01 23.46 10.09
N VAL C 41 -16.03 22.73 9.68
CA VAL C 41 -16.15 22.39 8.24
C VAL C 41 -17.53 22.86 7.86
N GLU C 42 -17.64 23.62 6.77
CA GLU C 42 -18.95 24.21 6.42
C GLU C 42 -19.44 23.49 5.17
N THR C 43 -20.57 22.81 5.26
CA THR C 43 -21.02 21.98 4.12
C THR C 43 -22.53 21.83 4.08
N CYS C 44 -23.15 21.98 2.90
CA CYS C 44 -24.59 21.64 2.84
C CYS C 44 -24.61 20.14 3.12
N SER C 45 -25.52 19.67 3.97
CA SER C 45 -25.41 18.24 4.39
C SER C 45 -26.25 17.31 3.50
N LEU C 46 -25.59 16.59 2.57
CA LEU C 46 -26.38 15.58 1.85
C LEU C 46 -26.18 14.37 2.73
N MET C 47 -27.27 13.83 3.24
CA MET C 47 -27.14 12.75 4.22
C MET C 47 -28.08 11.66 3.79
N VAL C 48 -27.53 10.59 3.25
CA VAL C 48 -28.28 9.47 2.72
C VAL C 48 -28.62 8.53 3.88
N VAL C 49 -29.85 8.03 3.86
CA VAL C 49 -30.33 7.04 4.82
C VAL C 49 -30.08 5.68 4.20
N LYS C 50 -29.15 4.92 4.77
CA LYS C 50 -28.82 3.61 4.27
C LYS C 50 -29.99 2.64 4.47
N ARG C 51 -29.86 1.46 3.87
CA ARG C 51 -30.88 0.43 4.03
C ARG C 51 -31.02 -0.01 5.48
N SER C 52 -30.00 0.22 6.30
CA SER C 52 -30.05 -0.10 7.72
C SER C 52 -30.73 0.98 8.55
N GLY C 53 -31.13 2.10 7.93
CA GLY C 53 -31.73 3.20 8.64
C GLY C 53 -30.76 4.21 9.20
N VAL C 54 -29.45 3.97 9.06
CA VAL C 54 -28.45 4.89 9.56
C VAL C 54 -28.25 6.00 8.54
N THR C 55 -27.57 7.07 8.94
CA THR C 55 -27.37 8.23 8.09
C THR C 55 -25.88 8.43 7.83
N GLU C 56 -25.53 8.60 6.57
CA GLU C 56 -24.14 8.80 6.17
C GLU C 56 -24.04 9.99 5.23
N PRO C 57 -22.93 10.72 5.28
CA PRO C 57 -22.71 11.80 4.31
C PRO C 57 -22.66 11.25 2.89
N PHE C 58 -23.21 12.00 1.95
CA PHE C 58 -23.22 11.59 0.54
C PHE C 58 -21.79 11.63 0.03
N SER C 59 -21.21 10.46 -0.22
CA SER C 59 -19.82 10.35 -0.63
C SER C 59 -19.74 10.04 -2.12
N ARG C 60 -18.88 10.77 -2.83
CA ARG C 60 -18.65 10.50 -4.24
C ARG C 60 -18.10 9.09 -4.46
N THR C 61 -17.14 8.68 -3.62
CA THR C 61 -16.40 7.46 -3.90
C THR C 61 -17.28 6.23 -3.80
N LYS C 62 -18.37 6.27 -3.03
CA LYS C 62 -19.28 5.13 -2.99
C LYS C 62 -19.95 4.92 -4.34
N VAL C 63 -20.46 6.00 -4.93
CA VAL C 63 -21.04 5.93 -6.27
C VAL C 63 -19.99 5.51 -7.28
N ILE C 64 -18.78 6.06 -7.16
CA ILE C 64 -17.71 5.75 -8.09
C ILE C 64 -17.38 4.25 -8.04
N ASN C 65 -17.26 3.70 -6.83
CA ASN C 65 -16.95 2.29 -6.68
C ASN C 65 -18.08 1.41 -7.19
N GLY C 66 -19.33 1.80 -6.92
CA GLY C 66 -20.45 1.03 -7.44
C GLY C 66 -20.46 0.98 -8.95
N VAL C 67 -20.24 2.12 -9.60
CA VAL C 67 -20.20 2.16 -11.05
C VAL C 67 -19.01 1.37 -11.57
N ARG C 68 -17.88 1.44 -10.92
CA ARG C 68 -16.69 0.78 -11.46
C ARG C 68 -16.89 -0.72 -11.40
N LYS C 69 -17.50 -1.21 -10.33
CA LYS C 69 -17.74 -2.66 -10.20
C LYS C 69 -18.68 -3.10 -11.31
N ALA C 70 -19.72 -2.33 -11.60
CA ALA C 70 -20.70 -2.62 -12.67
C ALA C 70 -20.02 -2.58 -14.02
N CYS C 71 -19.09 -1.69 -14.22
CA CYS C 71 -18.44 -1.49 -15.54
C CYS C 71 -17.22 -2.38 -15.74
N GLN C 72 -16.88 -3.25 -14.81
CA GLN C 72 -15.59 -3.97 -15.00
C GLN C 72 -15.70 -4.75 -16.30
N GLY C 73 -14.69 -4.63 -17.15
CA GLY C 73 -14.67 -5.35 -18.45
C GLY C 73 -15.46 -4.63 -19.51
N ARG C 74 -16.04 -3.46 -19.21
CA ARG C 74 -16.72 -2.64 -20.23
C ARG C 74 -15.83 -1.42 -20.43
N PRO C 75 -15.82 -0.72 -21.59
CA PRO C 75 -14.84 0.33 -21.87
C PRO C 75 -14.90 1.63 -21.08
N VAL C 76 -15.80 1.76 -20.10
CA VAL C 76 -15.94 3.08 -19.40
C VAL C 76 -14.59 3.51 -18.78
N THR C 77 -14.03 4.62 -19.25
CA THR C 77 -12.77 5.17 -18.69
C THR C 77 -13.00 5.75 -17.29
N GLU C 78 -11.98 5.72 -16.43
CA GLU C 78 -12.10 6.29 -15.06
C GLU C 78 -12.66 7.72 -15.10
N ASP C 79 -12.43 8.44 -16.20
CA ASP C 79 -12.98 9.79 -16.35
C ASP C 79 -14.49 9.78 -16.57
N ALA C 80 -14.98 8.84 -17.38
CA ALA C 80 -16.41 8.79 -17.67
C ALA C 80 -17.22 8.46 -16.41
N LEU C 81 -16.77 7.48 -15.64
CA LEU C 81 -17.48 7.13 -14.40
C LEU C 81 -17.33 8.21 -13.35
N ALA C 82 -16.21 8.92 -13.33
CA ALA C 82 -16.10 10.06 -12.39
C ALA C 82 -17.15 11.09 -12.77
N GLN C 83 -17.33 11.29 -14.07
CA GLN C 83 -18.37 12.24 -14.53
C GLN C 83 -19.73 11.70 -14.10
N LEU C 84 -19.97 10.39 -14.21
CA LEU C 84 -21.31 9.87 -13.86
C LEU C 84 -21.54 10.23 -12.41
N GLY C 85 -20.47 10.09 -11.63
CA GLY C 85 -20.64 10.37 -10.21
C GLY C 85 -20.87 11.83 -9.92
N GLN C 86 -20.16 12.70 -10.65
CA GLN C 86 -20.40 14.14 -10.50
C GLN C 86 -21.83 14.50 -10.88
N ARG C 87 -22.29 13.91 -11.97
CA ARG C 87 -23.66 14.16 -12.46
C ARG C 87 -24.65 13.70 -11.39
N VAL C 88 -24.37 12.58 -10.73
CA VAL C 88 -25.35 12.04 -9.73
C VAL C 88 -25.36 12.96 -8.52
N GLU C 89 -24.18 13.39 -8.08
CA GLU C 89 -24.15 14.30 -6.94
C GLU C 89 -24.88 15.60 -7.27
N GLU C 90 -24.67 16.12 -8.48
CA GLU C 90 -25.37 17.35 -8.88
C GLU C 90 -26.88 17.14 -8.89
N ALA C 91 -27.34 15.99 -9.39
CA ALA C 91 -28.78 15.73 -9.44
C ALA C 91 -29.36 15.59 -8.04
N VAL C 92 -28.66 14.90 -7.13
CA VAL C 92 -29.30 14.63 -5.80
C VAL C 92 -29.21 15.87 -4.92
N ARG C 93 -28.11 16.62 -4.99
CA ARG C 93 -28.06 17.89 -4.22
C ARG C 93 -29.16 18.77 -4.79
N ALA C 94 -29.34 18.77 -6.12
CA ALA C 94 -30.36 19.60 -6.78
C ALA C 94 -31.74 19.28 -6.24
N THR C 95 -32.13 18.00 -6.19
CA THR C 95 -33.51 17.66 -5.75
C THR C 95 -33.82 18.46 -4.51
N GLY C 96 -32.79 18.85 -3.76
CA GLY C 96 -33.01 19.75 -2.64
C GLY C 96 -33.61 19.10 -1.41
N SER C 97 -33.59 17.78 -1.33
CA SER C 97 -34.16 17.10 -0.17
C SER C 97 -33.25 17.19 1.05
N ALA C 98 -31.94 17.13 0.85
CA ALA C 98 -30.90 17.20 1.89
C ALA C 98 -30.91 15.98 2.79
N GLU C 99 -31.86 15.06 2.63
CA GLU C 99 -31.90 13.81 3.39
C GLU C 99 -32.63 12.80 2.53
N LEU C 100 -31.86 11.99 1.79
CA LEU C 100 -32.44 11.08 0.81
C LEU C 100 -32.03 9.65 1.11
N THR C 101 -32.92 8.71 0.87
CA THR C 101 -32.59 7.30 1.02
C THR C 101 -31.63 6.88 -0.09
N THR C 102 -30.79 5.89 0.22
CA THR C 102 -29.88 5.36 -0.80
C THR C 102 -30.63 4.73 -1.96
N HIS C 103 -31.92 4.42 -1.79
CA HIS C 103 -32.74 4.05 -2.93
C HIS C 103 -32.81 5.19 -3.94
N ASP C 104 -32.99 6.42 -3.46
CA ASP C 104 -32.98 7.57 -4.34
C ASP C 104 -31.62 7.74 -5.02
N VAL C 105 -30.53 7.47 -4.29
CA VAL C 105 -29.20 7.55 -4.88
C VAL C 105 -29.05 6.51 -5.98
N GLY C 106 -29.53 5.28 -5.74
CA GLY C 106 -29.45 4.26 -6.76
C GLY C 106 -30.25 4.60 -8.00
N LEU C 107 -31.46 5.14 -7.82
CA LEU C 107 -32.25 5.57 -8.97
C LEU C 107 -31.56 6.71 -9.72
N ALA C 108 -30.95 7.63 -8.97
CA ALA C 108 -30.23 8.76 -9.59
C ALA C 108 -29.11 8.23 -10.49
N ILE C 109 -28.29 7.28 -10.02
CA ILE C 109 -27.16 6.71 -10.82
C ILE C 109 -27.68 5.94 -12.04
N LEU C 110 -28.77 5.17 -11.92
CA LEU C 110 -29.19 4.28 -13.03
C LEU C 110 -29.52 5.04 -14.32
N GLY C 111 -30.24 6.17 -14.27
CA GLY C 111 -30.62 6.82 -15.54
C GLY C 111 -29.41 7.29 -16.33
N PRO C 112 -28.37 7.92 -15.74
CA PRO C 112 -27.11 8.25 -16.43
C PRO C 112 -26.35 6.99 -16.89
N LEU C 113 -26.34 5.93 -16.08
CA LEU C 113 -25.54 4.73 -16.45
C LEU C 113 -26.16 4.07 -17.69
N GLN C 114 -27.46 4.23 -17.93
CA GLN C 114 -28.06 3.67 -19.16
C GLN C 114 -27.39 4.34 -20.36
N GLU C 115 -27.14 5.65 -20.28
CA GLU C 115 -26.42 6.38 -21.37
C GLU C 115 -24.96 5.92 -21.38
N LEU C 116 -24.31 5.81 -20.21
CA LEU C 116 -22.87 5.44 -20.16
C LEU C 116 -22.62 4.02 -20.68
N ASP C 117 -23.47 3.04 -20.31
CA ASP C 117 -23.26 1.61 -20.69
C ASP C 117 -24.48 0.76 -20.31
N LEU C 118 -24.96 -0.08 -21.24
CA LEU C 118 -26.12 -0.97 -20.97
C LEU C 118 -25.68 -2.26 -20.29
N VAL C 119 -24.53 -2.82 -20.63
CA VAL C 119 -24.07 -4.04 -19.88
C VAL C 119 -23.87 -3.62 -18.43
N ALA C 120 -23.27 -2.46 -18.20
CA ALA C 120 -23.13 -1.95 -16.83
C ALA C 120 -24.51 -1.72 -16.25
N TYR C 121 -25.48 -1.21 -16.99
CA TYR C 121 -26.78 -0.97 -16.34
C TYR C 121 -27.33 -2.31 -15.87
N LEU C 122 -27.25 -3.33 -16.70
CA LEU C 122 -27.84 -4.61 -16.27
C LEU C 122 -27.06 -5.11 -15.05
N ARG C 123 -25.74 -4.98 -15.05
CA ARG C 123 -24.88 -5.42 -13.93
C ARG C 123 -25.13 -4.54 -12.71
N PHE C 124 -25.36 -3.25 -12.87
CA PHE C 124 -25.70 -2.40 -11.74
C PHE C 124 -27.11 -2.67 -11.26
N ALA C 125 -28.06 -2.80 -12.19
CA ALA C 125 -29.43 -3.08 -11.79
C ALA C 125 -29.54 -4.46 -11.17
N SER C 126 -28.64 -5.35 -11.56
CA SER C 126 -28.74 -6.75 -11.10
C SER C 126 -28.29 -6.85 -9.68
N VAL C 127 -27.25 -6.10 -9.38
CA VAL C 127 -26.76 -6.11 -8.01
C VAL C 127 -27.61 -5.22 -7.10
N TYR C 128 -27.96 -4.03 -7.59
CA TYR C 128 -28.79 -3.03 -6.82
C TYR C 128 -30.11 -3.65 -6.48
N ARG C 129 -30.94 -3.93 -7.48
CA ARG C 129 -32.15 -4.70 -7.27
C ARG C 129 -31.80 -6.16 -7.03
N ALA C 130 -32.75 -6.93 -6.51
CA ALA C 130 -32.48 -8.35 -6.12
C ALA C 130 -32.09 -9.20 -7.34
N PHE C 131 -32.91 -9.21 -8.40
CA PHE C 131 -32.67 -10.04 -9.60
C PHE C 131 -32.57 -11.53 -9.24
N ASP C 132 -33.43 -12.00 -8.32
CA ASP C 132 -33.42 -13.42 -7.85
C ASP C 132 -33.26 -14.42 -9.01
N SER C 133 -34.03 -14.27 -10.09
CA SER C 133 -33.98 -15.25 -11.22
C SER C 133 -33.73 -14.57 -12.57
N LEU C 134 -33.49 -15.37 -13.62
CA LEU C 134 -33.31 -14.81 -14.96
C LEU C 134 -34.51 -14.00 -15.40
N GLU C 135 -35.68 -14.25 -14.80
CA GLU C 135 -36.88 -13.51 -15.17
C GLU C 135 -36.73 -12.02 -14.88
N ASP C 136 -36.05 -11.68 -13.78
CA ASP C 136 -35.77 -10.27 -13.49
C ASP C 136 -34.85 -9.66 -14.54
N PHE C 137 -33.86 -10.40 -14.98
CA PHE C 137 -33.00 -9.86 -16.06
C PHE C 137 -33.79 -9.72 -17.34
N GLU C 138 -34.75 -10.62 -17.67
CA GLU C 138 -35.56 -10.46 -18.88
C GLU C 138 -36.51 -9.27 -18.76
N ALA C 139 -37.09 -9.07 -17.58
CA ALA C 139 -37.96 -7.91 -17.37
C ALA C 139 -37.18 -6.60 -17.50
N ALA C 140 -35.99 -6.54 -16.91
CA ALA C 140 -35.17 -5.33 -17.04
C ALA C 140 -34.74 -5.12 -18.49
N ILE C 141 -34.41 -6.21 -19.19
CA ILE C 141 -34.05 -6.11 -20.60
C ILE C 141 -35.20 -5.55 -21.41
N ALA C 142 -36.39 -6.10 -21.16
CA ALA C 142 -37.60 -5.61 -21.81
C ALA C 142 -37.68 -4.12 -21.54
N GLU C 143 -37.44 -3.71 -20.29
CA GLU C 143 -37.58 -2.29 -19.90
C GLU C 143 -36.58 -1.44 -20.70
N LEU C 144 -35.39 -1.96 -20.95
CA LEU C 144 -34.36 -1.17 -21.67
C LEU C 144 -34.69 -1.17 -23.16
N ARG C 145 -35.29 -2.24 -23.69
CA ARG C 145 -35.76 -2.24 -25.10
C ARG C 145 -36.83 -1.15 -25.26
N GLU C 146 -37.88 -1.17 -24.43
CA GLU C 146 -38.92 -0.14 -24.43
C GLU C 146 -38.34 1.24 -24.70
N THR C 147 -37.36 1.66 -23.89
CA THR C 147 -36.71 2.95 -24.10
C THR C 147 -35.80 2.92 -25.31
N MET D 1 9.95 -35.76 -14.02
CA MET D 1 8.53 -36.14 -14.10
C MET D 1 8.00 -35.85 -15.48
N HIS D 2 6.85 -36.48 -15.78
CA HIS D 2 6.27 -36.29 -17.14
C HIS D 2 6.12 -34.80 -17.36
N CYS D 3 6.63 -34.37 -18.57
CA CYS D 3 6.40 -32.96 -18.86
C CYS D 3 4.90 -32.68 -18.90
N PRO D 4 4.44 -31.60 -18.26
CA PRO D 4 2.99 -31.33 -18.21
C PRO D 4 2.38 -30.97 -19.55
N PHE D 5 3.26 -30.63 -20.51
CA PHE D 5 2.82 -30.13 -21.84
C PHE D 5 2.88 -31.19 -22.95
N CYS D 6 3.79 -32.16 -22.90
CA CYS D 6 3.94 -33.21 -23.90
C CYS D 6 4.10 -34.61 -23.30
N ARG D 7 4.19 -34.72 -21.97
CA ARG D 7 4.27 -36.01 -21.27
C ARG D 7 5.49 -36.81 -21.72
N HIS D 8 6.67 -36.22 -21.54
CA HIS D 8 7.92 -36.94 -21.75
C HIS D 8 8.41 -37.52 -20.42
N PRO D 9 8.71 -38.82 -20.39
CA PRO D 9 8.95 -39.49 -19.11
C PRO D 9 10.08 -38.88 -18.28
N ASP D 10 11.10 -38.33 -18.91
CA ASP D 10 12.22 -37.75 -18.21
C ASP D 10 12.28 -36.24 -18.42
N SER D 11 12.62 -35.51 -17.34
CA SER D 11 12.71 -34.03 -17.37
C SER D 11 13.77 -33.55 -16.34
N ARG D 12 14.84 -32.93 -16.81
CA ARG D 12 15.98 -32.59 -15.93
C ARG D 12 15.78 -31.32 -15.12
N VAL D 13 16.29 -31.32 -13.90
CA VAL D 13 16.11 -30.17 -12.98
C VAL D 13 17.13 -29.06 -13.29
N VAL D 14 16.81 -28.12 -14.19
CA VAL D 14 17.73 -27.02 -14.52
C VAL D 14 18.24 -26.36 -13.25
N ASP D 15 17.34 -26.08 -12.30
CA ASP D 15 17.72 -25.36 -11.09
C ASP D 15 16.79 -25.77 -9.96
N SER D 16 17.27 -25.56 -8.75
CA SER D 16 16.48 -25.94 -7.56
C SER D 16 16.79 -24.97 -6.43
N ARG D 17 15.79 -24.20 -5.98
CA ARG D 17 15.97 -23.28 -4.83
C ARG D 17 15.01 -23.66 -3.72
N THR D 18 15.50 -23.80 -2.49
CA THR D 18 14.61 -24.22 -1.40
C THR D 18 13.95 -23.00 -0.79
N THR D 19 12.91 -23.21 0.02
CA THR D 19 12.34 -22.09 0.78
C THR D 19 12.96 -22.22 2.19
N ASP D 20 13.50 -21.14 2.75
CA ASP D 20 14.22 -21.31 4.05
C ASP D 20 13.30 -21.72 5.20
N ASP D 21 12.13 -21.10 5.31
CA ASP D 21 11.17 -21.41 6.40
C ASP D 21 10.18 -22.38 5.78
N GLY D 22 9.95 -22.27 4.48
CA GLY D 22 9.03 -23.20 3.81
C GLY D 22 9.60 -24.60 3.64
N THR D 23 8.77 -25.63 3.83
CA THR D 23 9.26 -27.01 3.56
C THR D 23 9.01 -27.24 2.08
N SER D 24 9.39 -26.26 1.28
CA SER D 24 9.09 -26.32 -0.16
C SER D 24 10.38 -26.11 -0.91
N ILE D 25 10.64 -26.92 -1.92
CA ILE D 25 11.86 -26.63 -2.71
C ILE D 25 11.34 -26.34 -4.11
N ARG D 26 11.68 -25.19 -4.68
CA ARG D 26 11.17 -24.78 -6.02
C ARG D 26 12.21 -25.13 -7.06
N ARG D 27 11.85 -25.94 -8.03
CA ARG D 27 12.75 -26.47 -9.05
C ARG D 27 12.26 -26.07 -10.42
N ARG D 28 13.18 -25.54 -11.23
CA ARG D 28 12.94 -25.32 -12.66
C ARG D 28 13.49 -26.51 -13.41
N ARG D 29 12.64 -27.17 -14.20
CA ARG D 29 12.98 -28.39 -14.90
C ARG D 29 12.80 -28.22 -16.41
N GLN D 30 13.76 -28.74 -17.17
CA GLN D 30 13.70 -28.76 -18.63
C GLN D 30 13.19 -30.10 -19.12
N CYS D 31 12.32 -30.05 -20.13
CA CYS D 31 11.86 -31.25 -20.81
C CYS D 31 12.66 -31.42 -22.09
N PRO D 32 13.40 -32.51 -22.26
CA PRO D 32 14.21 -32.67 -23.48
C PRO D 32 13.40 -32.74 -24.76
N ASP D 33 12.11 -33.07 -24.69
CA ASP D 33 11.32 -33.25 -25.91
C ASP D 33 10.96 -31.91 -26.54
N CYS D 34 10.20 -31.07 -25.82
CA CYS D 34 9.72 -29.81 -26.36
C CYS D 34 10.57 -28.62 -25.94
N SER D 35 11.56 -28.83 -25.07
CA SER D 35 12.47 -27.77 -24.61
C SER D 35 11.70 -26.61 -23.99
N ARG D 36 10.93 -26.94 -22.93
CA ARG D 36 10.08 -25.95 -22.23
C ARG D 36 10.31 -26.05 -20.73
N ARG D 37 10.74 -24.94 -20.10
CA ARG D 37 10.89 -24.89 -18.66
C ARG D 37 9.54 -25.13 -17.99
N PHE D 38 9.58 -25.74 -16.80
CA PHE D 38 8.38 -25.79 -15.98
C PHE D 38 8.80 -25.86 -14.51
N THR D 39 7.98 -25.25 -13.66
CA THR D 39 8.30 -25.06 -12.26
C THR D 39 7.54 -26.06 -11.40
N THR D 40 8.24 -26.70 -10.47
CA THR D 40 7.63 -27.65 -9.56
C THR D 40 8.00 -27.30 -8.13
N VAL D 41 7.12 -27.62 -7.21
CA VAL D 41 7.34 -27.24 -5.80
C VAL D 41 7.23 -28.52 -5.03
N GLU D 42 8.21 -28.81 -4.17
CA GLU D 42 8.21 -30.12 -3.48
C GLU D 42 7.89 -29.85 -2.03
N THR D 43 6.78 -30.39 -1.52
CA THR D 43 6.36 -30.05 -0.14
C THR D 43 5.57 -31.17 0.50
N CYS D 44 5.85 -31.50 1.76
CA CYS D 44 4.94 -32.45 2.45
C CYS D 44 3.63 -31.67 2.52
N SER D 45 2.50 -32.30 2.22
CA SER D 45 1.25 -31.51 2.11
C SER D 45 0.47 -31.46 3.42
N LEU D 46 0.55 -30.35 4.15
CA LEU D 46 -0.34 -30.26 5.32
C LEU D 46 -1.55 -29.61 4.71
N MET D 47 -2.69 -30.27 4.80
CA MET D 47 -3.86 -29.76 4.09
C MET D 47 -5.00 -29.81 5.07
N VAL D 48 -5.39 -28.66 5.58
CA VAL D 48 -6.43 -28.52 6.57
C VAL D 48 -7.79 -28.50 5.88
N VAL D 49 -8.75 -29.20 6.47
CA VAL D 49 -10.12 -29.22 6.00
C VAL D 49 -10.87 -28.12 6.76
N LYS D 50 -11.26 -27.08 6.04
CA LYS D 50 -11.95 -25.97 6.65
C LYS D 50 -13.34 -26.40 7.13
N ARG D 51 -13.99 -25.50 7.88
CA ARG D 51 -15.34 -25.78 8.34
C ARG D 51 -16.32 -25.94 7.19
N SER D 52 -15.98 -25.42 6.01
CA SER D 52 -16.81 -25.58 4.82
C SER D 52 -16.59 -26.90 4.12
N GLY D 53 -15.64 -27.72 4.58
CA GLY D 53 -15.32 -28.97 3.94
C GLY D 53 -14.28 -28.88 2.84
N VAL D 54 -13.82 -27.66 2.51
CA VAL D 54 -12.82 -27.47 1.48
C VAL D 54 -11.45 -27.73 2.09
N THR D 55 -10.43 -27.87 1.24
CA THR D 55 -9.08 -28.21 1.67
C THR D 55 -8.13 -27.07 1.29
N GLU D 56 -7.33 -26.62 2.26
CA GLU D 56 -6.38 -25.55 2.04
C GLU D 56 -5.01 -25.93 2.59
N PRO D 57 -3.94 -25.46 1.96
CA PRO D 57 -2.61 -25.70 2.53
C PRO D 57 -2.48 -25.05 3.90
N PHE D 58 -1.76 -25.73 4.80
CA PHE D 58 -1.56 -25.21 6.14
C PHE D 58 -0.66 -23.98 6.06
N SER D 59 -1.24 -22.82 6.31
CA SER D 59 -0.53 -21.55 6.16
C SER D 59 -0.15 -21.01 7.55
N ARG D 60 1.10 -20.58 7.68
CA ARG D 60 1.54 -19.96 8.93
C ARG D 60 0.76 -18.69 9.21
N THR D 61 0.55 -17.85 8.18
CA THR D 61 0.03 -16.51 8.41
C THR D 61 -1.41 -16.54 8.93
N LYS D 62 -2.17 -17.59 8.64
CA LYS D 62 -3.52 -17.69 9.20
C LYS D 62 -3.47 -17.83 10.71
N VAL D 63 -2.62 -18.73 11.20
CA VAL D 63 -2.42 -18.88 12.65
C VAL D 63 -1.87 -17.59 13.24
N ILE D 64 -0.93 -16.96 12.55
CA ILE D 64 -0.32 -15.73 13.05
C ILE D 64 -1.38 -14.64 13.18
N ASN D 65 -2.24 -14.48 12.18
CA ASN D 65 -3.28 -13.46 12.23
C ASN D 65 -4.31 -13.77 13.31
N GLY D 66 -4.67 -15.04 13.46
CA GLY D 66 -5.61 -15.40 14.52
C GLY D 66 -5.07 -15.08 15.89
N VAL D 67 -3.80 -15.41 16.15
CA VAL D 67 -3.19 -15.10 17.43
C VAL D 67 -3.06 -13.59 17.61
N ARG D 68 -2.74 -12.86 16.58
CA ARG D 68 -2.50 -11.42 16.75
C ARG D 68 -3.82 -10.75 17.09
N LYS D 69 -4.91 -11.18 16.48
CA LYS D 69 -6.23 -10.59 16.75
C LYS D 69 -6.58 -10.86 18.21
N ALA D 70 -6.34 -12.07 18.70
CA ALA D 70 -6.60 -12.46 20.09
C ALA D 70 -5.75 -11.67 21.04
N CYS D 71 -4.52 -11.38 20.68
CA CYS D 71 -3.56 -10.71 21.56
C CYS D 71 -3.62 -9.20 21.48
N GLN D 72 -4.51 -8.61 20.69
CA GLN D 72 -4.42 -7.14 20.52
C GLN D 72 -4.59 -6.52 21.90
N GLY D 73 -3.70 -5.59 22.26
CA GLY D 73 -3.76 -4.91 23.57
C GLY D 73 -3.13 -5.73 24.68
N ARG D 74 -2.60 -6.91 24.37
CA ARG D 74 -1.85 -7.72 25.37
C ARG D 74 -0.39 -7.64 24.96
N PRO D 75 0.62 -7.80 25.83
CA PRO D 75 2.02 -7.54 25.50
C PRO D 75 2.72 -8.50 24.53
N VAL D 76 2.03 -9.49 23.95
CA VAL D 76 2.75 -10.49 23.09
C VAL D 76 3.47 -9.77 21.94
N THR D 77 4.81 -9.86 21.90
CA THR D 77 5.62 -9.27 20.80
C THR D 77 5.41 -10.07 19.51
N GLU D 78 5.54 -9.42 18.35
CA GLU D 78 5.41 -10.11 17.03
C GLU D 78 6.30 -11.35 16.99
N ASP D 79 7.41 -11.36 17.73
CA ASP D 79 8.29 -12.53 17.78
C ASP D 79 7.67 -13.68 18.56
N ALA D 80 7.01 -13.38 19.68
CA ALA D 80 6.41 -14.43 20.50
C ALA D 80 5.29 -15.15 19.75
N LEU D 81 4.42 -14.40 19.09
CA LEU D 81 3.33 -15.02 18.33
C LEU D 81 3.85 -15.74 17.10
N ALA D 82 4.93 -15.25 16.49
CA ALA D 82 5.53 -15.98 15.36
C ALA D 82 6.01 -17.33 15.89
N GLN D 83 6.60 -17.33 17.08
CA GLN D 83 7.04 -18.59 17.69
C GLN D 83 5.82 -19.47 17.94
N LEU D 84 4.71 -18.88 18.41
CA LEU D 84 3.54 -19.75 18.72
C LEU D 84 3.17 -20.44 17.43
N GLY D 85 3.23 -19.66 16.36
CA GLY D 85 2.83 -20.23 15.08
C GLY D 85 3.79 -21.31 14.60
N GLN D 86 5.09 -21.09 14.78
CA GLN D 86 6.07 -22.11 14.43
C GLN D 86 5.84 -23.38 15.24
N ARG D 87 5.58 -23.18 16.53
CA ARG D 87 5.33 -24.33 17.44
C ARG D 87 4.10 -25.09 16.96
N VAL D 88 3.08 -24.37 16.49
CA VAL D 88 1.81 -25.06 16.10
C VAL D 88 2.07 -25.83 14.81
N GLU D 89 2.78 -25.22 13.88
CA GLU D 89 3.08 -25.94 12.64
C GLU D 89 3.91 -27.19 12.94
N GLU D 90 4.89 -27.08 13.83
CA GLU D 90 5.70 -28.24 14.19
C GLU D 90 4.84 -29.32 14.83
N ALA D 91 3.91 -28.94 15.71
CA ALA D 91 3.05 -29.93 16.36
C ALA D 91 2.13 -30.62 15.34
N VAL D 92 1.56 -29.86 14.41
CA VAL D 92 0.53 -30.49 13.52
C VAL D 92 1.21 -31.29 12.41
N ARG D 93 2.35 -30.82 11.90
CA ARG D 93 3.09 -31.65 10.92
C ARG D 93 3.49 -32.92 11.67
N ALA D 94 3.93 -32.78 12.92
CA ALA D 94 4.38 -33.93 13.74
C ALA D 94 3.27 -34.96 13.84
N THR D 95 2.06 -34.57 14.23
CA THR D 95 0.97 -35.56 14.44
C THR D 95 0.99 -36.53 13.26
N GLY D 96 1.49 -36.08 12.11
CA GLY D 96 1.66 -36.98 10.99
C GLY D 96 0.40 -37.35 10.26
N SER D 97 -0.68 -36.61 10.47
CA SER D 97 -1.94 -36.92 9.79
C SER D 97 -1.92 -36.50 8.33
N ALA D 98 -1.28 -35.38 8.01
CA ALA D 98 -1.14 -34.80 6.68
C ALA D 98 -2.48 -34.30 6.12
N GLU D 99 -3.59 -34.51 6.83
CA GLU D 99 -4.89 -34.00 6.42
C GLU D 99 -5.70 -33.83 7.70
N LEU D 100 -5.72 -32.62 8.24
CA LEU D 100 -6.33 -32.36 9.54
C LEU D 100 -7.38 -31.28 9.42
N THR D 101 -8.46 -31.42 10.19
CA THR D 101 -9.48 -30.39 10.22
C THR D 101 -8.95 -29.16 10.94
N THR D 102 -9.47 -27.99 10.56
CA THR D 102 -9.08 -26.76 11.23
C THR D 102 -9.48 -26.76 12.70
N HIS D 103 -10.38 -27.65 13.11
CA HIS D 103 -10.63 -27.86 14.53
C HIS D 103 -9.35 -28.35 15.23
N ASP D 104 -8.64 -29.29 14.59
CA ASP D 104 -7.37 -29.75 15.13
C ASP D 104 -6.36 -28.61 15.19
N VAL D 105 -6.35 -27.74 14.17
CA VAL D 105 -5.44 -26.60 14.17
C VAL D 105 -5.77 -25.67 15.33
N GLY D 106 -7.06 -25.41 15.56
CA GLY D 106 -7.44 -24.56 16.67
C GLY D 106 -7.06 -25.14 18.01
N LEU D 107 -7.25 -26.44 18.19
CA LEU D 107 -6.83 -27.08 19.44
C LEU D 107 -5.32 -27.02 19.61
N ALA D 108 -4.60 -27.21 18.50
CA ALA D 108 -3.12 -27.14 18.54
C ALA D 108 -2.67 -25.76 19.04
N ILE D 109 -3.23 -24.67 18.49
CA ILE D 109 -2.86 -23.27 18.92
C ILE D 109 -3.24 -23.00 20.37
N LEU D 110 -4.40 -23.47 20.84
CA LEU D 110 -4.87 -23.06 22.20
C LEU D 110 -3.92 -23.50 23.32
N GLY D 111 -3.37 -24.72 23.29
CA GLY D 111 -2.54 -25.13 24.44
C GLY D 111 -1.30 -24.26 24.60
N PRO D 112 -0.55 -23.91 23.53
CA PRO D 112 0.56 -22.94 23.60
C PRO D 112 0.09 -21.53 23.99
N LEU D 113 -1.07 -21.10 23.49
CA LEU D 113 -1.52 -19.70 23.77
C LEU D 113 -1.85 -19.56 25.27
N GLN D 114 -2.22 -20.65 25.95
CA GLN D 114 -2.47 -20.56 27.41
C GLN D 114 -1.15 -20.16 28.08
N GLU D 115 -0.03 -20.71 27.63
CA GLU D 115 1.31 -20.32 28.17
C GLU D 115 1.62 -18.89 27.73
N LEU D 116 1.37 -18.55 26.45
CA LEU D 116 1.74 -17.20 25.94
C LEU D 116 0.91 -16.09 26.60
N ASP D 117 -0.40 -16.29 26.81
CA ASP D 117 -1.31 -15.25 27.38
C ASP D 117 -2.69 -15.81 27.69
N LEU D 118 -3.22 -15.54 28.88
CA LEU D 118 -4.57 -16.02 29.29
C LEU D 118 -5.67 -15.09 28.78
N VAL D 119 -5.45 -13.77 28.77
CA VAL D 119 -6.49 -12.89 28.18
C VAL D 119 -6.64 -13.25 26.70
N ALA D 120 -5.52 -13.48 26.01
CA ALA D 120 -5.57 -13.93 24.63
C ALA D 120 -6.26 -15.28 24.59
N TYR D 121 -6.00 -16.20 25.51
CA TYR D 121 -6.68 -17.51 25.37
C TYR D 121 -8.17 -17.29 25.46
N LEU D 122 -8.63 -16.48 26.38
CA LEU D 122 -10.09 -16.32 26.50
C LEU D 122 -10.61 -15.66 25.22
N ARG D 123 -9.89 -14.68 24.68
CA ARG D 123 -10.28 -13.98 23.44
C ARG D 123 -10.16 -14.92 22.24
N PHE D 124 -9.18 -15.80 22.20
CA PHE D 124 -9.10 -16.78 21.13
C PHE D 124 -10.15 -17.86 21.30
N ALA D 125 -10.32 -18.36 22.52
CA ALA D 125 -11.35 -19.37 22.76
C ALA D 125 -12.74 -18.81 22.53
N SER D 126 -12.88 -17.51 22.74
CA SER D 126 -14.22 -16.89 22.65
C SER D 126 -14.65 -16.78 21.23
N VAL D 127 -13.69 -16.44 20.40
CA VAL D 127 -13.99 -16.32 18.98
C VAL D 127 -14.03 -17.68 18.30
N TYR D 128 -13.05 -18.53 18.61
CA TYR D 128 -12.93 -19.91 18.03
C TYR D 128 -14.17 -20.69 18.36
N ARG D 129 -14.39 -20.99 19.64
CA ARG D 129 -15.64 -21.59 20.08
C ARG D 129 -16.73 -20.52 20.05
N ALA D 130 -18.00 -20.95 20.10
CA ALA D 130 -19.14 -20.01 19.96
C ALA D 130 -19.19 -18.97 21.09
N PHE D 131 -19.16 -19.41 22.36
CA PHE D 131 -19.25 -18.50 23.53
C PHE D 131 -20.53 -17.66 23.48
N ASP D 132 -21.65 -18.25 23.09
CA ASP D 132 -22.96 -17.55 22.96
C ASP D 132 -23.24 -16.62 24.16
N SER D 133 -23.05 -17.11 25.40
CA SER D 133 -23.37 -16.28 26.59
C SER D 133 -22.19 -16.17 27.56
N LEU D 134 -22.31 -15.32 28.60
CA LEU D 134 -21.27 -15.21 29.61
C LEU D 134 -21.00 -16.55 30.29
N GLU D 135 -21.97 -17.46 30.25
CA GLU D 135 -21.79 -18.76 30.89
C GLU D 135 -20.65 -19.54 30.24
N ASP D 136 -20.49 -19.42 28.92
CA ASP D 136 -19.35 -20.05 28.26
C ASP D 136 -18.03 -19.44 28.73
N PHE D 137 -17.99 -18.14 28.88
CA PHE D 137 -16.76 -17.53 29.41
C PHE D 137 -16.50 -17.98 30.85
N GLU D 138 -17.54 -18.17 31.70
CA GLU D 138 -17.31 -18.66 33.06
C GLU D 138 -16.85 -20.11 33.04
N ALA D 139 -17.41 -20.94 32.17
CA ALA D 139 -16.98 -22.32 32.07
C ALA D 139 -15.53 -22.42 31.61
N ALA D 140 -15.14 -21.62 30.60
CA ALA D 140 -13.76 -21.61 30.15
C ALA D 140 -12.84 -21.09 31.24
N ILE D 141 -13.28 -20.07 31.99
CA ILE D 141 -12.47 -19.54 33.08
C ILE D 141 -12.25 -20.61 34.15
N ALA D 142 -13.34 -21.30 34.48
CA ALA D 142 -13.25 -22.42 35.43
C ALA D 142 -12.21 -23.38 34.89
N GLU D 143 -12.26 -23.67 33.59
CA GLU D 143 -11.32 -24.66 32.99
C GLU D 143 -9.89 -24.17 33.15
N LEU D 144 -9.66 -22.88 33.02
CA LEU D 144 -8.27 -22.36 33.10
C LEU D 144 -7.85 -22.31 34.57
N ARG D 145 -8.77 -22.08 35.50
CA ARG D 145 -8.44 -22.17 36.96
C ARG D 145 -8.00 -23.60 37.28
N GLU D 146 -8.83 -24.60 36.94
CA GLU D 146 -8.48 -26.02 37.12
C GLU D 146 -7.00 -26.27 36.84
N THR D 147 -6.54 -25.89 35.65
CA THR D 147 -5.13 -26.06 35.30
C THR D 147 -4.26 -25.06 36.05
N MET E 1 10.93 1.15 33.09
CA MET E 1 11.51 1.13 31.72
C MET E 1 12.63 0.08 31.69
N HIS E 2 12.64 -0.75 30.65
CA HIS E 2 13.58 -1.84 30.46
C HIS E 2 15.01 -1.31 30.52
N CYS E 3 15.86 -1.95 31.32
CA CYS E 3 17.22 -1.45 31.52
C CYS E 3 18.02 -1.57 30.22
N PRO E 4 18.76 -0.53 29.83
CA PRO E 4 19.64 -0.68 28.66
C PRO E 4 20.72 -1.72 28.83
N PHE E 5 21.05 -2.10 30.08
CA PHE E 5 22.14 -3.03 30.35
C PHE E 5 21.67 -4.40 30.84
N CYS E 6 20.40 -4.55 31.21
CA CYS E 6 19.93 -5.83 31.72
C CYS E 6 18.60 -6.30 31.14
N ARG E 7 17.91 -5.51 30.32
CA ARG E 7 16.71 -5.92 29.61
C ARG E 7 15.57 -6.34 30.55
N HIS E 8 15.59 -5.90 31.80
CA HIS E 8 14.58 -6.33 32.76
C HIS E 8 13.22 -5.77 32.39
N PRO E 9 12.14 -6.55 32.50
CA PRO E 9 10.81 -6.02 32.12
C PRO E 9 10.38 -4.80 32.91
N ASP E 10 10.74 -4.71 34.18
CA ASP E 10 10.29 -3.63 35.04
C ASP E 10 11.46 -3.03 35.80
N SER E 11 11.39 -1.72 36.04
CA SER E 11 12.38 -0.99 36.82
C SER E 11 11.69 0.07 37.65
N ARG E 12 12.36 0.49 38.72
CA ARG E 12 11.82 1.47 39.66
C ARG E 12 12.58 2.78 39.55
N VAL E 13 11.85 3.89 39.64
CA VAL E 13 12.44 5.21 39.59
C VAL E 13 13.03 5.52 40.97
N VAL E 14 14.36 5.66 41.03
CA VAL E 14 15.03 6.00 42.28
C VAL E 14 15.32 7.49 42.39
N ASP E 15 15.17 8.26 41.30
CA ASP E 15 15.29 9.70 41.38
C ASP E 15 14.46 10.32 40.26
N SER E 16 13.71 11.37 40.59
CA SER E 16 12.90 12.08 39.59
C SER E 16 12.91 13.55 39.96
N ARG E 17 13.48 14.33 39.02
CA ARG E 17 13.63 15.79 39.27
C ARG E 17 13.25 16.61 38.04
N THR E 18 12.81 17.85 38.27
CA THR E 18 12.39 18.72 37.18
C THR E 18 13.57 19.53 36.67
N THR E 19 13.75 19.51 35.36
CA THR E 19 14.83 20.24 34.70
C THR E 19 14.46 21.72 34.61
N ASP E 20 15.47 22.55 34.32
CA ASP E 20 15.26 23.99 34.18
C ASP E 20 14.21 24.27 33.11
N ASP E 21 13.29 25.18 33.44
CA ASP E 21 12.12 25.56 32.65
C ASP E 21 11.08 24.46 32.58
N GLY E 22 11.35 23.27 33.13
CA GLY E 22 10.37 22.21 33.17
C GLY E 22 10.03 21.61 31.83
N THR E 23 10.86 21.88 30.82
CA THR E 23 10.66 21.26 29.51
C THR E 23 10.96 19.78 29.51
N SER E 24 11.57 19.26 30.58
CA SER E 24 11.88 17.84 30.68
C SER E 24 11.96 17.46 32.14
N ILE E 25 11.87 16.15 32.40
CA ILE E 25 12.02 15.58 33.72
C ILE E 25 13.17 14.58 33.68
N ARG E 26 14.11 14.72 34.60
CA ARG E 26 15.25 13.82 34.68
C ARG E 26 14.91 12.69 35.65
N ARG E 27 14.84 11.46 35.15
CA ARG E 27 14.49 10.30 35.95
C ARG E 27 15.59 9.27 35.87
N ARG E 28 16.32 9.12 36.97
CA ARG E 28 17.36 8.07 37.07
C ARG E 28 16.68 6.86 37.69
N ARG E 29 17.02 5.67 37.23
CA ARG E 29 16.37 4.45 37.70
C ARG E 29 17.40 3.34 37.90
N GLN E 30 17.16 2.49 38.89
CA GLN E 30 18.01 1.35 39.20
C GLN E 30 17.32 0.07 38.77
N CYS E 31 17.98 -0.71 37.93
CA CYS E 31 17.44 -1.98 37.48
C CYS E 31 17.59 -3.04 38.58
N PRO E 32 16.72 -4.05 38.60
CA PRO E 32 16.85 -5.12 39.59
C PRO E 32 17.66 -6.33 39.15
N ASP E 33 18.06 -6.41 37.88
CA ASP E 33 18.76 -7.58 37.38
C ASP E 33 20.28 -7.43 37.46
N CYS E 34 20.84 -6.46 36.75
CA CYS E 34 22.28 -6.21 36.78
C CYS E 34 22.66 -5.06 37.69
N SER E 35 21.68 -4.41 38.32
CA SER E 35 21.93 -3.37 39.34
C SER E 35 22.80 -2.25 38.78
N ARG E 36 22.55 -1.86 37.53
CA ARG E 36 23.25 -0.76 36.89
C ARG E 36 22.28 0.40 36.69
N ARG E 37 22.58 1.53 37.32
CA ARG E 37 21.71 2.70 37.21
C ARG E 37 21.75 3.27 35.81
N PHE E 38 20.61 3.75 35.34
CA PHE E 38 20.53 4.43 34.05
C PHE E 38 19.61 5.63 34.17
N THR E 39 20.02 6.75 33.56
CA THR E 39 19.27 7.99 33.62
C THR E 39 18.52 8.21 32.31
N THR E 40 17.34 8.79 32.41
CA THR E 40 16.46 9.02 31.27
C THR E 40 15.89 10.43 31.33
N VAL E 41 15.48 10.93 30.18
CA VAL E 41 14.89 12.25 30.04
C VAL E 41 13.46 12.08 29.53
N GLU E 42 12.51 12.71 30.22
CA GLU E 42 11.09 12.61 29.90
C GLU E 42 10.66 13.97 29.36
N THR E 43 10.38 14.02 28.06
CA THR E 43 10.09 15.26 27.35
C THR E 43 8.73 15.19 26.67
N CYS E 44 8.13 16.36 26.48
CA CYS E 44 6.86 16.44 25.79
C CYS E 44 7.01 16.04 24.33
N SER E 45 5.98 15.36 23.82
CA SER E 45 5.94 15.00 22.40
C SER E 45 5.63 16.24 21.58
N LEU E 46 6.56 16.66 20.74
CA LEU E 46 6.31 17.79 19.85
C LEU E 46 5.19 17.41 18.90
N MET E 47 4.08 18.13 18.98
CA MET E 47 2.94 17.89 18.11
C MET E 47 2.81 19.01 17.09
N VAL E 48 2.45 18.65 15.87
CA VAL E 48 2.18 19.59 14.80
C VAL E 48 0.68 19.54 14.54
N VAL E 49 0.01 20.66 14.84
CA VAL E 49 -1.42 20.81 14.56
C VAL E 49 -1.53 21.09 13.07
N LYS E 50 -1.87 20.07 12.29
CA LYS E 50 -2.01 20.25 10.86
C LYS E 50 -3.16 21.20 10.56
N ARG E 51 -3.20 21.69 9.32
CA ARG E 51 -4.19 22.68 8.93
C ARG E 51 -5.61 22.13 8.92
N SER E 52 -5.78 20.82 9.05
CA SER E 52 -7.07 20.19 9.28
C SER E 52 -7.39 20.04 10.77
N GLY E 53 -6.50 20.49 11.64
CA GLY E 53 -6.68 20.33 13.07
C GLY E 53 -6.09 19.07 13.65
N VAL E 54 -5.59 18.17 12.82
CA VAL E 54 -4.98 16.94 13.31
C VAL E 54 -3.61 17.27 13.92
N THR E 55 -3.36 16.77 15.12
CA THR E 55 -2.09 17.00 15.81
C THR E 55 -1.22 15.76 15.61
N GLU E 56 -0.52 15.71 14.47
CA GLU E 56 0.39 14.61 14.22
C GLU E 56 1.65 14.77 15.07
N PRO E 57 2.41 13.70 15.27
CA PRO E 57 3.73 13.86 15.89
C PRO E 57 4.66 14.63 14.97
N PHE E 58 5.52 15.45 15.58
CA PHE E 58 6.50 16.19 14.78
C PHE E 58 7.50 15.23 14.18
N SER E 59 7.77 15.40 12.89
CA SER E 59 8.73 14.57 12.17
C SER E 59 9.54 15.46 11.25
N ARG E 60 10.85 15.55 11.51
CA ARG E 60 11.71 16.29 10.62
C ARG E 60 11.79 15.65 9.25
N THR E 61 11.37 14.38 9.13
CA THR E 61 11.35 13.72 7.83
C THR E 61 10.39 14.42 6.88
N LYS E 62 9.21 14.82 7.36
CA LYS E 62 8.26 15.55 6.52
C LYS E 62 8.82 16.90 6.11
N VAL E 63 9.48 17.60 7.05
CA VAL E 63 10.08 18.89 6.74
C VAL E 63 11.14 18.73 5.64
N ILE E 64 12.00 17.73 5.80
CA ILE E 64 13.09 17.51 4.84
C ILE E 64 12.51 17.09 3.49
N ASN E 65 11.44 16.29 3.48
CA ASN E 65 10.82 15.89 2.23
C ASN E 65 10.22 17.08 1.51
N GLY E 66 9.54 17.97 2.25
CA GLY E 66 9.00 19.17 1.62
C GLY E 66 10.08 20.06 1.06
N VAL E 67 11.15 20.29 1.84
CA VAL E 67 12.24 21.11 1.36
C VAL E 67 12.91 20.48 0.15
N ARG E 68 13.03 19.15 0.15
CA ARG E 68 13.62 18.45 -0.99
C ARG E 68 12.74 18.59 -2.23
N LYS E 69 11.42 18.56 -2.05
CA LYS E 69 10.53 18.84 -3.17
C LYS E 69 10.76 20.24 -3.70
N ALA E 70 10.97 21.21 -2.81
CA ALA E 70 11.38 22.54 -3.26
C ALA E 70 12.76 22.53 -3.92
N CYS E 71 13.68 21.75 -3.36
CA CYS E 71 15.07 21.71 -3.82
C CYS E 71 15.27 20.61 -4.86
N GLN E 72 14.64 20.78 -6.02
CA GLN E 72 14.73 19.82 -7.10
C GLN E 72 15.68 20.35 -8.16
N GLY E 73 16.70 19.55 -8.50
CA GLY E 73 17.69 19.97 -9.47
C GLY E 73 18.52 21.15 -9.05
N ARG E 74 18.74 21.29 -7.73
CA ARG E 74 19.47 22.47 -7.21
C ARG E 74 20.83 22.02 -6.67
N PRO E 75 21.80 22.93 -6.40
CA PRO E 75 23.05 22.51 -5.76
C PRO E 75 22.77 22.48 -4.25
N VAL E 76 21.96 21.51 -3.82
CA VAL E 76 21.60 21.34 -2.39
C VAL E 76 21.76 19.86 -2.09
N THR E 77 22.73 19.50 -1.24
CA THR E 77 23.01 18.10 -0.96
C THR E 77 22.05 17.57 0.10
N GLU E 78 22.01 16.24 0.22
CA GLU E 78 21.22 15.61 1.28
C GLU E 78 21.72 16.03 2.66
N ASP E 79 23.02 16.28 2.78
CA ASP E 79 23.56 16.79 4.04
C ASP E 79 22.98 18.15 4.37
N ALA E 80 22.89 19.03 3.38
CA ALA E 80 22.29 20.35 3.60
C ALA E 80 20.82 20.24 3.96
N LEU E 81 20.10 19.32 3.31
CA LEU E 81 18.69 19.12 3.64
C LEU E 81 18.53 18.64 5.07
N ALA E 82 19.36 17.69 5.50
CA ALA E 82 19.30 17.20 6.87
C ALA E 82 19.66 18.30 7.86
N GLN E 83 20.65 19.13 7.52
CA GLN E 83 21.01 20.23 8.40
C GLN E 83 19.87 21.24 8.53
N LEU E 84 19.19 21.54 7.42
CA LEU E 84 18.04 22.43 7.49
C LEU E 84 16.92 21.83 8.33
N GLY E 85 16.66 20.53 8.16
CA GLY E 85 15.65 19.89 8.99
C GLY E 85 16.00 19.95 10.46
N GLN E 86 17.27 19.72 10.80
CA GLN E 86 17.71 19.81 12.19
C GLN E 86 17.56 21.23 12.72
N ARG E 87 17.89 22.23 11.91
CA ARG E 87 17.73 23.62 12.34
C ARG E 87 16.26 23.94 12.59
N VAL E 88 15.37 23.48 11.71
CA VAL E 88 13.94 23.73 11.89
C VAL E 88 13.45 23.05 13.17
N GLU E 89 13.85 21.80 13.39
CA GLU E 89 13.43 21.11 14.61
C GLU E 89 13.96 21.80 15.86
N GLU E 90 15.22 22.24 15.82
CA GLU E 90 15.79 22.93 16.97
C GLU E 90 15.05 24.23 17.25
N ALA E 91 14.72 24.99 16.20
CA ALA E 91 13.99 26.25 16.39
C ALA E 91 12.61 25.99 16.98
N VAL E 92 11.88 25.02 16.43
CA VAL E 92 10.52 24.79 16.91
C VAL E 92 10.54 24.21 18.32
N ARG E 93 11.53 23.48 18.73
CA ARG E 93 11.57 23.00 20.14
C ARG E 93 12.07 24.12 21.06
N ALA E 94 12.95 25.02 20.56
CA ALA E 94 13.33 26.17 21.37
C ALA E 94 12.18 27.15 21.54
N THR E 95 11.17 27.09 20.66
CA THR E 95 9.96 27.88 20.90
C THR E 95 9.30 27.47 22.21
N GLY E 96 9.27 26.18 22.51
CA GLY E 96 8.83 25.67 23.78
C GLY E 96 7.45 25.03 23.79
N SER E 97 6.59 25.42 22.86
CA SER E 97 5.23 24.90 22.83
C SER E 97 5.22 23.45 22.35
N ALA E 98 4.32 22.66 22.94
CA ALA E 98 4.18 21.27 22.53
C ALA E 98 3.50 21.15 21.19
N GLU E 99 2.46 21.95 20.95
CA GLU E 99 1.77 21.97 19.67
C GLU E 99 2.15 23.23 18.90
N LEU E 100 2.71 23.04 17.72
CA LEU E 100 2.94 24.13 16.77
C LEU E 100 2.10 23.88 15.53
N THR E 101 1.50 24.94 14.99
CA THR E 101 0.77 24.79 13.75
C THR E 101 1.73 24.56 12.60
N THR E 102 1.20 24.00 11.51
CA THR E 102 2.01 23.83 10.30
C THR E 102 2.49 25.17 9.78
N HIS E 103 1.77 26.25 10.07
CA HIS E 103 2.23 27.59 9.69
C HIS E 103 3.53 27.95 10.40
N ASP E 104 3.61 27.64 11.70
CA ASP E 104 4.83 27.93 12.45
C ASP E 104 6.01 27.13 11.91
N VAL E 105 5.78 25.85 11.59
CA VAL E 105 6.85 25.03 11.03
C VAL E 105 7.25 25.54 9.66
N GLY E 106 6.29 25.99 8.86
CA GLY E 106 6.61 26.57 7.57
C GLY E 106 7.45 27.82 7.69
N LEU E 107 7.12 28.68 8.65
CA LEU E 107 7.94 29.87 8.90
C LEU E 107 9.34 29.49 9.37
N ALA E 108 9.44 28.51 10.27
CA ALA E 108 10.74 28.07 10.75
C ALA E 108 11.56 27.45 9.63
N ILE E 109 10.91 26.87 8.62
CA ILE E 109 11.63 26.39 7.45
C ILE E 109 12.07 27.56 6.58
N LEU E 110 11.15 28.50 6.32
CA LEU E 110 11.44 29.60 5.36
C LEU E 110 12.69 30.44 5.69
N GLY E 111 12.82 30.97 6.92
CA GLY E 111 13.95 31.91 7.17
C GLY E 111 15.33 31.28 7.00
N PRO E 112 15.64 30.06 7.49
CA PRO E 112 16.89 29.36 7.15
C PRO E 112 16.95 29.01 5.65
N LEU E 113 15.85 28.53 5.07
CA LEU E 113 15.84 28.05 3.66
C LEU E 113 16.46 29.08 2.72
N GLN E 114 16.38 30.38 3.05
CA GLN E 114 16.91 31.41 2.12
C GLN E 114 18.41 31.16 1.97
N GLU E 115 19.06 30.82 3.08
CA GLU E 115 20.52 30.51 3.07
C GLU E 115 20.80 29.25 2.23
N LEU E 116 19.96 28.20 2.28
CA LEU E 116 20.37 27.00 1.48
C LEU E 116 20.17 27.17 -0.02
N ASP E 117 19.03 27.73 -0.42
CA ASP E 117 18.75 28.01 -1.85
C ASP E 117 17.59 29.01 -1.91
N LEU E 118 17.85 30.24 -2.35
CA LEU E 118 16.80 31.29 -2.46
C LEU E 118 15.74 30.85 -3.47
N VAL E 119 16.17 30.25 -4.59
CA VAL E 119 15.22 29.74 -5.62
C VAL E 119 14.36 28.61 -5.04
N ALA E 120 14.96 27.71 -4.26
CA ALA E 120 14.16 26.65 -3.60
C ALA E 120 13.19 27.33 -2.64
N TYR E 121 13.65 28.37 -1.92
CA TYR E 121 12.73 29.14 -1.06
C TYR E 121 11.53 29.55 -1.91
N LEU E 122 11.75 30.04 -3.14
CA LEU E 122 10.58 30.53 -3.89
C LEU E 122 9.62 29.37 -4.13
N ARG E 123 10.12 28.18 -4.46
CA ARG E 123 9.22 27.06 -4.80
C ARG E 123 8.53 26.58 -3.52
N PHE E 124 9.18 26.68 -2.37
CA PHE E 124 8.59 26.28 -1.09
C PHE E 124 7.57 27.30 -0.62
N ALA E 125 7.86 28.59 -0.79
CA ALA E 125 6.91 29.61 -0.39
C ALA E 125 5.68 29.60 -1.29
N SER E 126 5.87 29.34 -2.58
CA SER E 126 4.73 29.28 -3.49
C SER E 126 3.78 28.16 -3.12
N VAL E 127 4.30 27.02 -2.69
CA VAL E 127 3.33 25.94 -2.39
C VAL E 127 2.82 26.17 -1.01
N TYR E 128 3.69 26.60 -0.12
CA TYR E 128 3.30 26.71 1.28
C TYR E 128 2.37 27.90 1.52
N ARG E 129 2.76 29.08 1.04
CA ARG E 129 1.92 30.27 1.20
C ARG E 129 0.77 30.29 0.21
N ALA E 130 0.70 29.33 -0.71
CA ALA E 130 -0.39 29.22 -1.69
C ALA E 130 -0.49 30.48 -2.54
N PHE E 131 0.67 30.83 -3.11
CA PHE E 131 0.79 32.02 -3.96
C PHE E 131 -0.25 31.93 -5.07
N ASP E 132 -1.24 32.82 -5.06
CA ASP E 132 -2.35 32.86 -6.06
C ASP E 132 -1.90 33.18 -7.49
N SER E 133 -0.98 34.13 -7.70
CA SER E 133 -0.65 34.53 -9.10
C SER E 133 0.74 35.13 -9.18
N LEU E 134 1.14 35.58 -10.38
CA LEU E 134 2.57 36.00 -10.37
C LEU E 134 2.74 37.24 -9.48
N GLU E 135 1.66 37.93 -9.10
CA GLU E 135 1.83 39.05 -8.17
C GLU E 135 2.41 38.57 -6.85
N ASP E 136 1.94 37.42 -6.35
CA ASP E 136 2.51 36.85 -5.13
C ASP E 136 3.97 36.49 -5.32
N PHE E 137 4.35 35.95 -6.47
CA PHE E 137 5.79 35.64 -6.59
C PHE E 137 6.58 36.93 -6.67
N GLU E 138 6.09 37.95 -7.38
CA GLU E 138 6.85 39.20 -7.41
C GLU E 138 6.98 39.80 -6.02
N ALA E 139 5.92 39.73 -5.21
CA ALA E 139 6.00 40.21 -3.84
C ALA E 139 7.02 39.41 -3.04
N ALA E 140 7.04 38.09 -3.22
CA ALA E 140 8.03 37.27 -2.54
C ALA E 140 9.45 37.61 -2.99
N ILE E 141 9.64 37.88 -4.28
CA ILE E 141 10.95 38.27 -4.79
C ILE E 141 11.38 39.59 -4.17
N ALA E 142 10.43 40.51 -4.05
CA ALA E 142 10.74 41.80 -3.40
C ALA E 142 11.28 41.53 -2.01
N GLU E 143 10.59 40.74 -1.19
CA GLU E 143 10.98 40.56 0.23
C GLU E 143 12.37 39.93 0.31
N LEU E 144 12.66 39.00 -0.57
CA LEU E 144 13.99 38.38 -0.60
C LEU E 144 14.99 39.44 -0.97
N ARG E 145 14.63 40.41 -1.83
CA ARG E 145 15.62 41.44 -2.10
C ARG E 145 15.73 42.43 -0.94
N GLU E 146 14.62 42.68 -0.25
CA GLU E 146 14.63 43.56 0.92
C GLU E 146 15.16 42.78 2.12
N THR E 147 16.49 42.76 2.21
CA THR E 147 17.21 42.04 3.26
C THR E 147 16.89 40.55 3.24
N MET F 1 -7.26 0.72 -33.78
CA MET F 1 -6.48 1.50 -32.78
C MET F 1 -6.82 2.98 -32.94
N HIS F 2 -7.05 3.67 -31.84
CA HIS F 2 -7.45 5.07 -31.79
C HIS F 2 -6.40 5.92 -32.51
N CYS F 3 -6.86 6.79 -33.40
CA CYS F 3 -5.94 7.57 -34.23
C CYS F 3 -5.17 8.55 -33.36
N PRO F 4 -3.86 8.68 -33.53
CA PRO F 4 -3.12 9.71 -32.80
C PRO F 4 -3.55 11.13 -33.14
N PHE F 5 -4.20 11.33 -34.29
CA PHE F 5 -4.57 12.66 -34.74
C PHE F 5 -6.07 12.93 -34.69
N CYS F 6 -6.91 11.91 -34.49
CA CYS F 6 -8.35 12.13 -34.48
C CYS F 6 -9.08 11.44 -33.34
N ARG F 7 -8.43 10.61 -32.52
CA ARG F 7 -9.02 10.02 -31.32
C ARG F 7 -10.23 9.13 -31.62
N HIS F 8 -10.35 8.64 -32.85
CA HIS F 8 -11.54 7.86 -33.21
C HIS F 8 -11.53 6.52 -32.48
N PRO F 9 -12.68 6.06 -31.99
CA PRO F 9 -12.70 4.78 -31.25
C PRO F 9 -12.21 3.59 -32.07
N ASP F 10 -12.49 3.56 -33.36
CA ASP F 10 -12.16 2.42 -34.20
C ASP F 10 -11.44 2.86 -35.47
N SER F 11 -10.52 2.04 -35.95
CA SER F 11 -9.81 2.28 -37.19
C SER F 11 -9.59 0.96 -37.91
N ARG F 12 -9.37 1.05 -39.22
CA ARG F 12 -9.20 -0.12 -40.07
C ARG F 12 -7.76 -0.21 -40.56
N VAL F 13 -7.23 -1.43 -40.61
CA VAL F 13 -5.88 -1.67 -41.10
C VAL F 13 -5.91 -1.65 -42.62
N VAL F 14 -5.24 -0.66 -43.22
CA VAL F 14 -5.17 -0.59 -44.67
C VAL F 14 -3.88 -1.19 -45.22
N ASP F 15 -2.91 -1.50 -44.36
CA ASP F 15 -1.71 -2.21 -44.80
C ASP F 15 -1.15 -2.98 -43.62
N SER F 16 -0.76 -4.24 -43.85
CA SER F 16 -0.16 -5.07 -42.82
C SER F 16 0.90 -5.95 -43.48
N ARG F 17 2.14 -5.72 -43.04
CA ARG F 17 3.28 -6.44 -43.64
C ARG F 17 4.27 -6.94 -42.59
N THR F 18 4.98 -8.02 -42.90
CA THR F 18 5.91 -8.61 -41.96
C THR F 18 7.30 -7.99 -42.14
N THR F 19 7.88 -7.56 -41.02
CA THR F 19 9.20 -6.95 -41.02
C THR F 19 10.27 -8.04 -41.14
N ASP F 20 11.50 -7.61 -41.46
CA ASP F 20 12.61 -8.54 -41.57
C ASP F 20 12.80 -9.32 -40.28
N ASP F 21 13.00 -10.63 -40.41
CA ASP F 21 13.10 -11.62 -39.34
C ASP F 21 11.78 -11.84 -38.62
N GLY F 22 10.73 -11.09 -38.96
CA GLY F 22 9.43 -11.30 -38.38
C GLY F 22 9.31 -10.96 -36.90
N THR F 23 10.30 -10.22 -36.38
CA THR F 23 10.24 -9.77 -35.00
C THR F 23 9.17 -8.71 -34.78
N SER F 24 8.61 -8.16 -35.86
CA SER F 24 7.56 -7.15 -35.76
C SER F 24 6.70 -7.19 -37.00
N ILE F 25 5.52 -6.60 -36.90
CA ILE F 25 4.60 -6.45 -38.02
C ILE F 25 4.32 -4.96 -38.20
N ARG F 26 4.48 -4.47 -39.43
CA ARG F 26 4.23 -3.07 -39.74
C ARG F 26 2.79 -2.95 -40.21
N ARG F 27 1.98 -2.21 -39.45
CA ARG F 27 0.56 -2.04 -39.77
C ARG F 27 0.24 -0.55 -39.91
N ARG F 28 0.02 -0.12 -41.14
CA ARG F 28 -0.42 1.28 -41.39
C ARG F 28 -1.93 1.25 -41.40
N ARG F 29 -2.56 2.28 -40.86
CA ARG F 29 -4.01 2.34 -40.75
C ARG F 29 -4.52 3.73 -41.08
N GLN F 30 -5.71 3.79 -41.69
CA GLN F 30 -6.37 5.03 -42.04
C GLN F 30 -7.55 5.27 -41.09
N CYS F 31 -7.54 6.41 -40.42
CA CYS F 31 -8.63 6.76 -39.53
C CYS F 31 -9.85 7.24 -40.33
N PRO F 32 -11.06 7.09 -39.78
CA PRO F 32 -12.26 7.57 -40.48
C PRO F 32 -12.69 8.98 -40.12
N ASP F 33 -12.06 9.62 -39.12
CA ASP F 33 -12.51 10.93 -38.68
C ASP F 33 -11.75 12.06 -39.38
N CYS F 34 -10.44 12.13 -39.19
CA CYS F 34 -9.62 13.16 -39.83
C CYS F 34 -8.87 12.63 -41.05
N SER F 35 -9.03 11.35 -41.39
CA SER F 35 -8.49 10.77 -42.61
C SER F 35 -6.99 10.97 -42.70
N ARG F 36 -6.29 10.82 -41.58
CA ARG F 36 -4.84 10.93 -41.53
C ARG F 36 -4.26 9.55 -41.23
N ARG F 37 -3.47 9.03 -42.16
CA ARG F 37 -2.87 7.71 -41.99
C ARG F 37 -1.83 7.73 -40.89
N PHE F 38 -1.76 6.64 -40.12
CA PHE F 38 -0.75 6.48 -39.10
C PHE F 38 -0.22 5.06 -39.11
N THR F 39 1.08 4.91 -38.99
CA THR F 39 1.73 3.60 -39.03
C THR F 39 2.10 3.15 -37.62
N THR F 40 2.00 1.85 -37.38
CA THR F 40 2.25 1.26 -36.07
C THR F 40 3.10 0.02 -36.23
N VAL F 41 3.79 -0.34 -35.14
CA VAL F 41 4.64 -1.53 -35.10
C VAL F 41 4.08 -2.47 -34.05
N GLU F 42 3.89 -3.73 -34.43
CA GLU F 42 3.30 -4.76 -33.57
C GLU F 42 4.42 -5.74 -33.22
N THR F 43 4.86 -5.71 -31.96
CA THR F 43 6.00 -6.47 -31.51
C THR F 43 5.60 -7.39 -30.36
N CYS F 44 6.36 -8.47 -30.21
CA CYS F 44 6.14 -9.40 -29.11
C CYS F 44 6.46 -8.75 -27.78
N SER F 45 5.66 -9.10 -26.77
CA SER F 45 5.91 -8.63 -25.42
C SER F 45 7.09 -9.39 -24.84
N LEU F 46 8.18 -8.68 -24.54
CA LEU F 46 9.32 -9.32 -23.91
C LEU F 46 8.92 -9.81 -22.53
N MET F 47 8.96 -11.12 -22.33
CA MET F 47 8.61 -11.74 -21.06
C MET F 47 9.87 -12.23 -20.36
N VAL F 48 9.89 -12.06 -19.04
CA VAL F 48 10.95 -12.57 -18.19
C VAL F 48 10.36 -13.70 -17.37
N VAL F 49 10.83 -14.92 -17.62
CA VAL F 49 10.44 -16.10 -16.86
C VAL F 49 11.19 -16.03 -15.54
N LYS F 50 10.53 -15.57 -14.48
CA LYS F 50 11.18 -15.47 -13.19
C LYS F 50 11.55 -16.87 -12.68
N ARG F 51 12.41 -16.90 -11.67
CA ARG F 51 12.94 -18.17 -11.17
C ARG F 51 11.86 -19.01 -10.47
N SER F 52 10.68 -18.45 -10.23
CA SER F 52 9.53 -19.20 -9.80
C SER F 52 8.66 -19.69 -10.96
N GLY F 53 9.07 -19.42 -12.20
CA GLY F 53 8.30 -19.77 -13.37
C GLY F 53 7.32 -18.73 -13.83
N VAL F 54 7.14 -17.65 -13.07
CA VAL F 54 6.24 -16.58 -13.49
C VAL F 54 6.87 -15.80 -14.62
N THR F 55 6.10 -15.57 -15.68
CA THR F 55 6.57 -14.81 -16.84
C THR F 55 6.03 -13.39 -16.73
N GLU F 56 6.76 -12.56 -15.98
CA GLU F 56 6.38 -11.16 -15.85
C GLU F 56 6.74 -10.41 -17.13
N PRO F 57 6.13 -9.25 -17.37
CA PRO F 57 6.59 -8.40 -18.47
C PRO F 57 7.99 -7.88 -18.19
N PHE F 58 8.79 -7.77 -19.24
CA PHE F 58 10.13 -7.21 -19.09
C PHE F 58 10.03 -5.74 -18.72
N SER F 59 10.81 -5.34 -17.70
CA SER F 59 10.83 -3.96 -17.26
C SER F 59 12.27 -3.60 -16.95
N ARG F 60 12.83 -2.65 -17.71
CA ARG F 60 14.16 -2.16 -17.41
C ARG F 60 14.22 -1.45 -16.07
N THR F 61 13.06 -1.07 -15.52
CA THR F 61 13.03 -0.45 -14.20
C THR F 61 13.55 -1.41 -13.13
N LYS F 62 13.16 -2.68 -13.20
CA LYS F 62 13.66 -3.67 -12.24
C LYS F 62 15.15 -3.88 -12.40
N VAL F 63 15.63 -3.93 -13.64
CA VAL F 63 17.06 -4.08 -13.90
C VAL F 63 17.83 -2.90 -13.30
N ILE F 64 17.35 -1.68 -13.55
CA ILE F 64 18.03 -0.50 -13.05
C ILE F 64 17.98 -0.44 -11.53
N ASN F 65 16.86 -0.86 -10.93
CA ASN F 65 16.76 -0.87 -9.48
C ASN F 65 17.74 -1.87 -8.87
N GLY F 66 17.86 -3.05 -9.46
CA GLY F 66 18.83 -4.02 -8.96
C GLY F 66 20.25 -3.52 -9.09
N VAL F 67 20.59 -2.94 -10.24
CA VAL F 67 21.93 -2.41 -10.43
C VAL F 67 22.20 -1.27 -9.46
N ARG F 68 21.19 -0.43 -9.21
CA ARG F 68 21.33 0.66 -8.26
C ARG F 68 21.55 0.14 -6.85
N LYS F 69 20.87 -0.95 -6.49
CA LYS F 69 21.14 -1.59 -5.21
C LYS F 69 22.58 -2.05 -5.13
N ALA F 70 23.11 -2.59 -6.23
CA ALA F 70 24.53 -2.92 -6.28
C ALA F 70 25.38 -1.64 -6.24
N CYS F 71 24.95 -0.59 -6.92
CA CYS F 71 25.71 0.65 -7.04
C CYS F 71 25.33 1.63 -5.93
N GLN F 72 25.65 1.28 -4.70
CA GLN F 72 25.34 2.11 -3.55
C GLN F 72 26.60 2.83 -3.09
N GLY F 73 26.54 4.15 -3.00
CA GLY F 73 27.69 4.93 -2.61
C GLY F 73 28.85 4.86 -3.58
N ARG F 74 28.54 4.68 -4.86
CA ARG F 74 29.60 4.51 -5.89
C ARG F 74 29.64 5.74 -6.79
N PRO F 75 30.70 5.97 -7.62
CA PRO F 75 30.66 7.07 -8.57
C PRO F 75 29.92 6.54 -9.80
N VAL F 76 28.60 6.33 -9.65
CA VAL F 76 27.74 5.83 -10.77
C VAL F 76 26.49 6.70 -10.77
N THR F 77 26.30 7.50 -11.81
CA THR F 77 25.19 8.44 -11.86
C THR F 77 23.92 7.73 -12.32
N GLU F 78 22.79 8.40 -12.11
CA GLU F 78 21.51 7.88 -12.60
C GLU F 78 21.52 7.77 -14.12
N ASP F 79 22.26 8.66 -14.80
CA ASP F 79 22.41 8.54 -16.25
C ASP F 79 23.12 7.26 -16.62
N ALA F 80 24.17 6.91 -15.89
CA ALA F 80 24.89 5.66 -16.17
C ALA F 80 24.00 4.45 -15.88
N LEU F 81 23.20 4.50 -14.82
CA LEU F 81 22.29 3.41 -14.52
C LEU F 81 21.26 3.23 -15.63
N ALA F 82 20.69 4.35 -16.12
CA ALA F 82 19.73 4.27 -17.21
C ALA F 82 20.38 3.74 -18.48
N GLN F 83 21.62 4.16 -18.75
CA GLN F 83 22.32 3.66 -19.92
C GLN F 83 22.58 2.16 -19.83
N LEU F 84 22.96 1.68 -18.64
CA LEU F 84 23.14 0.25 -18.45
C LEU F 84 21.83 -0.51 -18.63
N GLY F 85 20.74 0.03 -18.09
CA GLY F 85 19.44 -0.60 -18.30
C GLY F 85 19.05 -0.67 -19.77
N GLN F 86 19.30 0.42 -20.50
CA GLN F 86 19.03 0.42 -21.94
C GLN F 86 19.89 -0.60 -22.67
N ARG F 87 21.16 -0.70 -22.30
CA ARG F 87 22.04 -1.69 -22.94
C ARG F 87 21.55 -3.11 -22.66
N VAL F 88 21.14 -3.39 -21.42
CA VAL F 88 20.63 -4.71 -21.09
C VAL F 88 19.37 -5.02 -21.88
N GLU F 89 18.44 -4.05 -21.95
CA GLU F 89 17.22 -4.27 -22.73
C GLU F 89 17.52 -4.49 -24.20
N GLU F 90 18.45 -3.71 -24.76
CA GLU F 90 18.80 -3.87 -26.16
C GLU F 90 19.42 -5.24 -26.42
N ALA F 91 20.30 -5.70 -25.52
CA ALA F 91 20.90 -7.01 -25.70
C ALA F 91 19.86 -8.12 -25.63
N VAL F 92 18.97 -8.06 -24.64
CA VAL F 92 17.99 -9.13 -24.49
C VAL F 92 16.97 -9.10 -25.62
N ARG F 93 16.66 -7.99 -26.21
CA ARG F 93 15.73 -8.00 -27.37
C ARG F 93 16.50 -8.40 -28.63
N ALA F 94 17.81 -8.07 -28.73
CA ALA F 94 18.59 -8.57 -29.87
C ALA F 94 18.80 -10.07 -29.79
N THR F 95 18.65 -10.67 -28.61
CA THR F 95 18.66 -12.12 -28.51
C THR F 95 17.52 -12.72 -29.35
N GLY F 96 16.35 -12.10 -29.31
CA GLY F 96 15.23 -12.45 -30.17
C GLY F 96 14.12 -13.21 -29.49
N SER F 97 14.42 -13.93 -28.41
CA SER F 97 13.40 -14.73 -27.75
C SER F 97 12.42 -13.85 -26.99
N ALA F 98 11.15 -14.27 -26.98
CA ALA F 98 10.13 -13.52 -26.26
C ALA F 98 10.26 -13.72 -24.75
N GLU F 99 10.53 -14.95 -24.33
CA GLU F 99 10.76 -15.24 -22.91
C GLU F 99 12.24 -15.47 -22.66
N LEU F 100 12.82 -14.66 -21.77
CA LEU F 100 14.15 -14.87 -21.26
C LEU F 100 14.07 -15.15 -19.77
N THR F 101 14.87 -16.10 -19.30
CA THR F 101 14.92 -16.34 -17.87
C THR F 101 15.62 -15.19 -17.16
N THR F 102 15.36 -15.08 -15.85
CA THR F 102 16.06 -14.08 -15.06
C THR F 102 17.57 -14.31 -15.08
N HIS F 103 18.00 -15.55 -15.30
CA HIS F 103 19.43 -15.82 -15.43
C HIS F 103 20.01 -15.13 -16.66
N ASP F 104 19.29 -15.17 -17.78
CA ASP F 104 19.76 -14.51 -18.99
C ASP F 104 19.84 -12.99 -18.79
N VAL F 105 18.84 -12.41 -18.12
CA VAL F 105 18.88 -10.98 -17.85
C VAL F 105 20.01 -10.64 -16.90
N GLY F 106 20.26 -11.50 -15.92
CA GLY F 106 21.38 -11.28 -15.02
C GLY F 106 22.71 -11.31 -15.73
N LEU F 107 22.88 -12.25 -16.67
CA LEU F 107 24.11 -12.30 -17.46
C LEU F 107 24.24 -11.06 -18.34
N ALA F 108 23.13 -10.64 -18.96
CA ALA F 108 23.16 -9.44 -19.79
C ALA F 108 23.47 -8.19 -18.97
N ILE F 109 23.11 -8.19 -17.69
CA ILE F 109 23.51 -7.10 -16.81
C ILE F 109 24.99 -7.20 -16.49
N LEU F 110 25.45 -8.39 -16.10
CA LEU F 110 26.84 -8.56 -15.60
C LEU F 110 27.93 -8.10 -16.58
N GLY F 111 27.93 -8.54 -17.84
CA GLY F 111 29.08 -8.19 -18.71
C GLY F 111 29.26 -6.70 -18.95
N PRO F 112 28.22 -5.88 -19.24
CA PRO F 112 28.34 -4.41 -19.27
C PRO F 112 28.68 -3.85 -17.88
N LEU F 113 28.04 -4.35 -16.82
CA LEU F 113 28.21 -3.80 -15.44
C LEU F 113 29.69 -3.66 -15.08
N GLN F 114 30.56 -4.52 -15.63
CA GLN F 114 31.99 -4.45 -15.24
C GLN F 114 32.50 -3.07 -15.64
N GLU F 115 32.09 -2.59 -16.81
CA GLU F 115 32.48 -1.23 -17.28
C GLU F 115 31.93 -0.14 -16.36
N LEU F 116 30.69 -0.26 -15.85
CA LEU F 116 30.23 0.90 -15.02
C LEU F 116 30.86 0.97 -13.63
N ASP F 117 30.97 -0.18 -12.96
CA ASP F 117 31.64 -0.25 -11.63
C ASP F 117 31.95 -1.72 -11.36
N LEU F 118 33.23 -2.09 -11.35
CA LEU F 118 33.65 -3.49 -11.07
C LEU F 118 33.23 -3.89 -9.66
N VAL F 119 33.38 -2.98 -8.70
CA VAL F 119 32.95 -3.26 -7.29
C VAL F 119 31.43 -3.45 -7.21
N ALA F 120 30.67 -2.63 -7.94
CA ALA F 120 29.20 -2.84 -7.99
C ALA F 120 28.94 -4.20 -8.63
N TYR F 121 29.70 -4.55 -9.67
CA TYR F 121 29.57 -5.91 -10.27
C TYR F 121 29.71 -6.92 -9.12
N LEU F 122 30.69 -6.76 -8.23
CA LEU F 122 30.86 -7.79 -7.21
C LEU F 122 29.60 -7.89 -6.36
N ARG F 123 28.99 -6.77 -6.00
CA ARG F 123 27.82 -6.80 -5.10
C ARG F 123 26.63 -7.37 -5.85
N PHE F 124 26.53 -7.15 -7.16
CA PHE F 124 25.45 -7.67 -7.98
C PHE F 124 25.63 -9.16 -8.24
N ALA F 125 26.86 -9.59 -8.49
CA ALA F 125 27.11 -11.02 -8.70
C ALA F 125 26.91 -11.81 -7.42
N SER F 126 27.29 -11.23 -6.28
CA SER F 126 27.11 -11.93 -5.01
C SER F 126 25.63 -12.17 -4.72
N VAL F 127 24.77 -11.22 -5.05
CA VAL F 127 23.36 -11.46 -4.70
C VAL F 127 22.77 -12.30 -5.80
N TYR F 128 23.16 -12.02 -7.01
CA TYR F 128 22.51 -12.70 -8.14
C TYR F 128 22.97 -14.14 -8.26
N ARG F 129 24.28 -14.39 -8.25
CA ARG F 129 24.80 -15.74 -8.33
C ARG F 129 24.70 -16.49 -7.01
N ALA F 130 24.26 -15.81 -5.94
CA ALA F 130 24.07 -16.41 -4.63
C ALA F 130 25.38 -17.02 -4.11
N PHE F 131 26.40 -16.14 -4.13
CA PHE F 131 27.76 -16.52 -3.67
C PHE F 131 27.65 -17.06 -2.27
N ASP F 132 27.93 -18.37 -2.09
CA ASP F 132 27.87 -19.07 -0.78
C ASP F 132 28.89 -18.58 0.25
N SER F 133 30.14 -18.31 -0.13
CA SER F 133 31.16 -17.97 0.90
C SER F 133 32.30 -17.16 0.30
N LEU F 134 33.31 -16.82 1.11
CA LEU F 134 34.28 -15.90 0.46
C LEU F 134 34.99 -16.63 -0.69
N GLU F 135 34.93 -17.97 -0.75
CA GLU F 135 35.53 -18.65 -1.90
C GLU F 135 34.88 -18.19 -3.21
N ASP F 136 33.55 -18.04 -3.20
CA ASP F 136 32.86 -17.53 -4.38
C ASP F 136 33.29 -16.11 -4.71
N PHE F 137 33.48 -15.26 -3.71
CA PHE F 137 33.91 -13.91 -4.09
C PHE F 137 35.33 -13.95 -4.62
N GLU F 138 36.23 -14.77 -4.02
CA GLU F 138 37.58 -14.83 -4.57
C GLU F 138 37.57 -15.35 -6.00
N ALA F 139 36.72 -16.34 -6.29
CA ALA F 139 36.60 -16.83 -7.65
C ALA F 139 36.09 -15.74 -8.59
N ALA F 140 35.11 -14.95 -8.14
CA ALA F 140 34.62 -13.85 -8.95
C ALA F 140 35.70 -12.80 -9.17
N ILE F 141 36.51 -12.52 -8.15
CA ILE F 141 37.61 -11.56 -8.29
C ILE F 141 38.62 -12.07 -9.32
N ALA F 142 38.89 -13.37 -9.27
CA ALA F 142 39.81 -13.96 -10.25
C ALA F 142 39.28 -13.68 -11.65
N GLU F 143 38.01 -13.99 -11.92
CA GLU F 143 37.49 -13.86 -13.31
C GLU F 143 37.55 -12.41 -13.78
N LEU F 144 37.29 -11.48 -12.89
CA LEU F 144 37.38 -10.05 -13.24
C LEU F 144 38.83 -9.75 -13.54
N ARG F 145 39.78 -10.39 -12.85
CA ARG F 145 41.16 -10.09 -13.23
C ARG F 145 41.55 -10.80 -14.52
N GLU F 146 40.99 -11.99 -14.77
CA GLU F 146 41.24 -12.72 -16.01
C GLU F 146 40.38 -12.11 -17.11
N THR F 147 40.90 -11.03 -17.71
CA THR F 147 40.23 -10.29 -18.77
C THR F 147 38.90 -9.72 -18.29
N MET G 1 15.63 -30.64 2.24
CA MET G 1 14.45 -29.94 2.80
C MET G 1 14.44 -30.12 4.32
N HIS G 2 14.21 -29.05 5.05
CA HIS G 2 14.23 -28.99 6.51
C HIS G 2 13.24 -30.01 7.06
N CYS G 3 13.70 -30.82 8.01
CA CYS G 3 12.87 -31.90 8.53
C CYS G 3 11.68 -31.33 9.30
N PRO G 4 10.47 -31.85 9.08
CA PRO G 4 9.34 -31.41 9.90
C PRO G 4 9.48 -31.72 11.38
N PHE G 5 10.35 -32.67 11.74
CA PHE G 5 10.50 -33.12 13.11
C PHE G 5 11.81 -32.70 13.75
N CYS G 6 12.79 -32.23 12.97
CA CYS G 6 14.08 -31.86 13.54
C CYS G 6 14.63 -30.52 13.07
N ARG G 7 14.00 -29.84 12.11
CA ARG G 7 14.38 -28.49 11.69
C ARG G 7 15.79 -28.41 11.14
N HIS G 8 16.36 -29.52 10.68
CA HIS G 8 17.75 -29.52 10.22
C HIS G 8 17.87 -28.71 8.94
N PRO G 9 18.93 -27.91 8.77
CA PRO G 9 19.06 -27.10 7.54
C PRO G 9 19.10 -27.93 6.27
N ASP G 10 19.71 -29.11 6.31
CA ASP G 10 19.91 -29.92 5.11
C ASP G 10 19.48 -31.35 5.37
N SER G 11 18.93 -31.99 4.33
CA SER G 11 18.54 -33.39 4.37
C SER G 11 18.85 -34.05 3.04
N ARG G 12 18.97 -35.37 3.06
CA ARG G 12 19.32 -36.15 1.89
C ARG G 12 18.13 -36.99 1.44
N VAL G 13 17.95 -37.08 0.12
CA VAL G 13 16.88 -37.88 -0.45
C VAL G 13 17.31 -39.35 -0.43
N VAL G 14 16.60 -40.17 0.35
CA VAL G 14 16.90 -41.58 0.40
C VAL G 14 15.98 -42.41 -0.51
N ASP G 15 14.93 -41.81 -1.06
CA ASP G 15 14.10 -42.48 -2.05
C ASP G 15 13.44 -41.43 -2.93
N SER G 16 13.45 -41.66 -4.24
CA SER G 16 12.81 -40.77 -5.20
C SER G 16 12.22 -41.60 -6.31
N ARG G 17 10.89 -41.51 -6.41
CA ARG G 17 10.15 -42.35 -7.40
C ARG G 17 9.08 -41.54 -8.12
N THR G 18 8.76 -41.95 -9.35
CA THR G 18 7.78 -41.25 -10.15
C THR G 18 6.38 -41.81 -9.90
N THR G 19 5.43 -40.93 -9.62
CA THR G 19 4.06 -41.30 -9.37
C THR G 19 3.36 -41.61 -10.69
N ASP G 20 2.19 -42.26 -10.59
CA ASP G 20 1.40 -42.59 -11.78
C ASP G 20 1.07 -41.33 -12.57
N ASP G 21 1.24 -41.43 -13.89
CA ASP G 21 1.09 -40.35 -14.86
C ASP G 21 2.19 -39.29 -14.74
N GLY G 22 3.08 -39.40 -13.75
CA GLY G 22 4.20 -38.49 -13.62
C GLY G 22 3.82 -37.07 -13.25
N THR G 23 2.59 -36.88 -12.79
CA THR G 23 2.17 -35.56 -12.34
C THR G 23 2.86 -35.15 -11.03
N SER G 24 3.53 -36.08 -10.36
CA SER G 24 4.23 -35.79 -9.12
C SER G 24 5.38 -36.77 -8.95
N ILE G 25 6.32 -36.40 -8.08
CA ILE G 25 7.43 -37.27 -7.71
C ILE G 25 7.38 -37.47 -6.20
N ARG G 26 7.44 -38.73 -5.78
CA ARG G 26 7.41 -39.06 -4.36
C ARG G 26 8.86 -39.17 -3.87
N ARG G 27 9.24 -38.27 -2.95
CA ARG G 27 10.60 -38.23 -2.43
C ARG G 27 10.57 -38.38 -0.91
N ARG G 28 11.01 -39.55 -0.44
CA ARG G 28 11.14 -39.78 1.02
C ARG G 28 12.57 -39.41 1.38
N ARG G 29 12.75 -38.79 2.53
CA ARG G 29 14.07 -38.32 2.95
C ARG G 29 14.29 -38.60 4.43
N GLN G 30 15.55 -38.88 4.77
CA GLN G 30 15.96 -39.13 6.15
C GLN G 30 16.75 -37.95 6.68
N CYS G 31 16.29 -37.38 7.80
CA CYS G 31 16.99 -36.27 8.41
C CYS G 31 18.21 -36.76 9.17
N PRO G 32 19.23 -35.92 9.32
CA PRO G 32 20.42 -36.32 10.09
C PRO G 32 20.39 -35.96 11.57
N ASP G 33 19.39 -35.20 12.04
CA ASP G 33 19.37 -34.76 13.42
C ASP G 33 18.57 -35.71 14.32
N CYS G 34 17.27 -35.86 14.06
CA CYS G 34 16.44 -36.76 14.83
C CYS G 34 16.20 -38.09 14.14
N SER G 35 16.75 -38.28 12.94
CA SER G 35 16.70 -39.56 12.23
C SER G 35 15.27 -40.06 12.04
N ARG G 36 14.37 -39.14 11.73
CA ARG G 36 12.98 -39.46 11.47
C ARG G 36 12.69 -39.24 9.99
N ARG G 37 12.32 -40.30 9.29
CA ARG G 37 12.04 -40.19 7.86
C ARG G 37 10.76 -39.40 7.61
N PHE G 38 10.76 -38.60 6.55
CA PHE G 38 9.58 -37.86 6.15
C PHE G 38 9.44 -37.90 4.64
N THR G 39 8.23 -38.11 4.16
CA THR G 39 7.94 -38.22 2.74
C THR G 39 7.34 -36.92 2.22
N THR G 40 7.68 -36.57 0.99
CA THR G 40 7.24 -35.34 0.36
C THR G 40 6.78 -35.61 -1.06
N VAL G 41 5.94 -34.72 -1.58
CA VAL G 41 5.43 -34.80 -2.94
C VAL G 41 5.90 -33.58 -3.71
N GLU G 42 6.48 -33.81 -4.88
CA GLU G 42 7.05 -32.77 -5.72
C GLU G 42 6.15 -32.64 -6.95
N THR G 43 5.40 -31.54 -7.03
CA THR G 43 4.40 -31.34 -8.06
C THR G 43 4.68 -30.06 -8.84
N CYS G 44 4.19 -30.05 -10.08
CA CYS G 44 4.34 -28.86 -10.92
C CYS G 44 3.53 -27.70 -10.35
N SER G 45 4.08 -26.50 -10.48
CA SER G 45 3.38 -25.28 -10.09
C SER G 45 2.30 -24.98 -11.12
N LEU G 46 1.05 -25.03 -10.71
CA LEU G 46 -0.05 -24.67 -11.61
C LEU G 46 0.10 -23.19 -11.98
N MET G 47 0.31 -22.92 -13.25
CA MET G 47 0.45 -21.57 -13.75
C MET G 47 -0.78 -21.17 -14.55
N VAL G 48 -1.20 -19.92 -14.38
CA VAL G 48 -2.29 -19.34 -15.14
C VAL G 48 -1.68 -18.32 -16.08
N VAL G 49 -1.76 -18.59 -17.39
CA VAL G 49 -1.31 -17.66 -18.41
C VAL G 49 -2.39 -16.60 -18.54
N LYS G 50 -2.17 -15.45 -17.92
CA LYS G 50 -3.13 -14.36 -17.98
C LYS G 50 -3.29 -13.88 -19.42
N ARG G 51 -4.35 -13.12 -19.66
CA ARG G 51 -4.67 -12.68 -21.02
C ARG G 51 -3.64 -11.69 -21.56
N SER G 52 -2.75 -11.18 -20.72
CA SER G 52 -1.59 -10.41 -21.16
C SER G 52 -0.37 -11.27 -21.42
N GLY G 53 -0.48 -12.60 -21.26
CA GLY G 53 0.63 -13.49 -21.42
C GLY G 53 1.42 -13.77 -20.16
N VAL G 54 1.13 -13.07 -19.07
CA VAL G 54 1.82 -13.31 -17.81
C VAL G 54 1.34 -14.62 -17.21
N THR G 55 2.29 -15.46 -16.81
CA THR G 55 1.97 -16.76 -16.20
C THR G 55 2.10 -16.61 -14.68
N GLU G 56 1.03 -16.13 -14.06
CA GLU G 56 1.01 -16.02 -12.62
C GLU G 56 0.84 -17.40 -11.98
N PRO G 57 1.19 -17.54 -10.71
CA PRO G 57 0.84 -18.79 -10.00
C PRO G 57 -0.67 -18.91 -9.86
N PHE G 58 -1.15 -20.15 -9.95
CA PHE G 58 -2.58 -20.38 -9.76
C PHE G 58 -2.95 -20.11 -8.30
N SER G 59 -4.03 -19.35 -8.10
CA SER G 59 -4.52 -19.02 -6.77
C SER G 59 -6.03 -19.12 -6.79
N ARG G 60 -6.57 -20.07 -6.01
CA ARG G 60 -8.02 -20.16 -5.88
C ARG G 60 -8.59 -18.93 -5.19
N THR G 61 -7.75 -18.13 -4.53
CA THR G 61 -8.24 -16.89 -3.92
C THR G 61 -8.77 -15.93 -4.97
N LYS G 62 -8.07 -15.80 -6.11
CA LYS G 62 -8.56 -14.94 -7.18
C LYS G 62 -9.86 -15.46 -7.76
N VAL G 63 -9.97 -16.78 -7.93
CA VAL G 63 -11.20 -17.38 -8.44
C VAL G 63 -12.36 -17.08 -7.50
N ILE G 64 -12.13 -17.28 -6.20
CA ILE G 64 -13.19 -17.07 -5.21
C ILE G 64 -13.57 -15.59 -5.14
N ASN G 65 -12.58 -14.70 -5.26
CA ASN G 65 -12.86 -13.27 -5.25
C ASN G 65 -13.70 -12.86 -6.45
N GLY G 66 -13.37 -13.38 -7.64
CA GLY G 66 -14.17 -13.08 -8.80
C GLY G 66 -15.59 -13.59 -8.68
N VAL G 67 -15.74 -14.84 -8.22
CA VAL G 67 -17.07 -15.41 -8.04
C VAL G 67 -17.85 -14.62 -6.99
N ARG G 68 -17.17 -14.18 -5.93
CA ARG G 68 -17.82 -13.38 -4.91
C ARG G 68 -18.27 -12.03 -5.45
N LYS G 69 -17.48 -11.43 -6.34
CA LYS G 69 -17.91 -10.22 -7.01
C LYS G 69 -19.17 -10.49 -7.83
N ALA G 70 -19.23 -11.65 -8.50
CA ALA G 70 -20.46 -12.04 -9.16
C ALA G 70 -21.59 -12.29 -8.15
N CYS G 71 -21.26 -12.92 -7.02
CA CYS G 71 -22.24 -13.32 -6.01
C CYS G 71 -22.41 -12.23 -4.96
N GLN G 72 -22.95 -11.10 -5.39
CA GLN G 72 -23.17 -9.97 -4.48
C GLN G 72 -24.65 -9.89 -4.11
N GLY G 73 -24.93 -9.89 -2.81
CA GLY G 73 -26.30 -9.87 -2.36
C GLY G 73 -27.11 -11.10 -2.72
N ARG G 74 -26.43 -12.25 -2.82
CA ARG G 74 -27.12 -13.49 -3.26
C ARG G 74 -27.20 -14.46 -2.08
N PRO G 75 -28.01 -15.54 -2.13
CA PRO G 75 -28.00 -16.53 -1.06
C PRO G 75 -26.84 -17.49 -1.38
N VAL G 76 -25.61 -17.00 -1.25
CA VAL G 76 -24.39 -17.81 -1.53
C VAL G 76 -23.44 -17.55 -0.37
N THR G 77 -23.17 -18.58 0.45
CA THR G 77 -22.35 -18.39 1.63
C THR G 77 -20.87 -18.45 1.26
N GLU G 78 -20.03 -18.01 2.20
CA GLU G 78 -18.58 -18.13 2.02
C GLU G 78 -18.16 -19.59 1.89
N ASP G 79 -18.87 -20.49 2.57
CA ASP G 79 -18.61 -21.92 2.42
C ASP G 79 -18.86 -22.38 0.98
N ALA G 80 -19.96 -21.91 0.38
CA ALA G 80 -20.24 -22.26 -1.00
C ALA G 80 -19.21 -21.69 -1.95
N LEU G 81 -18.76 -20.46 -1.68
CA LEU G 81 -17.71 -19.85 -2.51
C LEU G 81 -16.42 -20.64 -2.43
N ALA G 82 -16.03 -21.06 -1.22
CA ALA G 82 -14.81 -21.85 -1.05
C ALA G 82 -14.96 -23.21 -1.74
N GLN G 83 -16.15 -23.82 -1.64
CA GLN G 83 -16.37 -25.10 -2.31
C GLN G 83 -16.27 -24.95 -3.82
N LEU G 84 -16.83 -23.87 -4.38
CA LEU G 84 -16.70 -23.64 -5.81
C LEU G 84 -15.24 -23.42 -6.20
N GLY G 85 -14.50 -22.66 -5.41
CA GLY G 85 -13.08 -22.48 -5.70
C GLY G 85 -12.32 -23.79 -5.67
N GLN G 86 -12.62 -24.64 -4.69
CA GLN G 86 -11.98 -25.95 -4.62
C GLN G 86 -12.34 -26.81 -5.83
N ARG G 87 -13.60 -26.77 -6.25
CA ARG G 87 -14.01 -27.54 -7.42
C ARG G 87 -13.29 -27.05 -8.68
N VAL G 88 -13.16 -25.73 -8.84
CA VAL G 88 -12.46 -25.18 -9.99
C VAL G 88 -10.99 -25.60 -9.97
N GLU G 89 -10.34 -25.51 -8.81
CA GLU G 89 -8.95 -25.92 -8.71
C GLU G 89 -8.78 -27.40 -9.00
N GLU G 90 -9.68 -28.24 -8.48
CA GLU G 90 -9.61 -29.67 -8.73
C GLU G 90 -9.78 -29.97 -10.21
N ALA G 91 -10.72 -29.29 -10.88
CA ALA G 91 -10.92 -29.52 -12.30
C ALA G 91 -9.70 -29.11 -13.12
N VAL G 92 -9.15 -27.93 -12.83
CA VAL G 92 -8.02 -27.46 -13.61
C VAL G 92 -6.78 -28.29 -13.33
N ARG G 93 -6.59 -28.87 -12.19
CA ARG G 93 -5.42 -29.75 -11.96
C ARG G 93 -5.70 -31.13 -12.55
N ALA G 94 -6.97 -31.59 -12.57
CA ALA G 94 -7.28 -32.83 -13.25
C ALA G 94 -7.13 -32.71 -14.76
N THR G 95 -7.17 -31.49 -15.29
CA THR G 95 -6.84 -31.30 -16.70
C THR G 95 -5.42 -31.77 -17.00
N GLY G 96 -4.47 -31.48 -16.09
CA GLY G 96 -3.13 -32.00 -16.15
C GLY G 96 -2.08 -31.00 -16.61
N SER G 97 -2.48 -29.99 -17.37
CA SER G 97 -1.52 -29.02 -17.89
C SER G 97 -1.01 -28.11 -16.79
N ALA G 98 0.27 -27.75 -16.87
CA ALA G 98 0.85 -26.84 -15.89
C ALA G 98 0.38 -25.40 -16.11
N GLU G 99 0.30 -24.97 -17.37
CA GLU G 99 -0.21 -23.65 -17.70
C GLU G 99 -1.61 -23.77 -18.29
N LEU G 100 -2.56 -23.12 -17.66
CA LEU G 100 -3.91 -22.96 -18.19
C LEU G 100 -4.16 -21.48 -18.43
N THR G 101 -4.81 -21.16 -19.54
CA THR G 101 -5.17 -19.78 -19.79
C THR G 101 -6.29 -19.36 -18.85
N THR G 102 -6.43 -18.03 -18.67
CA THR G 102 -7.54 -17.53 -17.87
C THR G 102 -8.88 -17.92 -18.48
N HIS G 103 -8.92 -18.15 -19.78
CA HIS G 103 -10.15 -18.63 -20.42
C HIS G 103 -10.53 -20.00 -19.89
N ASP G 104 -9.55 -20.90 -19.75
CA ASP G 104 -9.84 -22.23 -19.23
C ASP G 104 -10.33 -22.17 -17.80
N VAL G 105 -9.72 -21.31 -16.97
CA VAL G 105 -10.16 -21.16 -15.59
C VAL G 105 -11.56 -20.55 -15.55
N GLY G 106 -11.85 -19.61 -16.44
CA GLY G 106 -13.19 -19.05 -16.51
C GLY G 106 -14.23 -20.08 -16.87
N LEU G 107 -13.92 -20.95 -17.83
CA LEU G 107 -14.83 -22.04 -18.19
C LEU G 107 -15.01 -23.01 -17.03
N ALA G 108 -13.92 -23.35 -16.35
CA ALA G 108 -14.01 -24.25 -15.19
C ALA G 108 -14.82 -23.62 -14.07
N ILE G 109 -14.83 -22.29 -13.97
CA ILE G 109 -15.70 -21.63 -13.01
C ILE G 109 -17.15 -21.68 -13.47
N LEU G 110 -17.38 -21.34 -14.74
CA LEU G 110 -18.79 -21.20 -15.25
C LEU G 110 -19.65 -22.46 -15.07
N GLY G 111 -19.21 -23.65 -15.52
CA GLY G 111 -20.14 -24.80 -15.47
C GLY G 111 -20.60 -25.18 -14.07
N PRO G 112 -19.74 -25.25 -13.02
CA PRO G 112 -20.22 -25.43 -11.65
C PRO G 112 -21.04 -24.21 -11.17
N LEU G 113 -20.59 -22.99 -11.50
CA LEU G 113 -21.24 -21.74 -10.99
C LEU G 113 -22.76 -21.79 -11.23
N GLN G 114 -23.22 -22.47 -12.27
CA GLN G 114 -24.68 -22.47 -12.58
C GLN G 114 -25.39 -23.09 -11.37
N GLU G 115 -24.80 -24.14 -10.80
CA GLU G 115 -25.37 -24.79 -9.60
C GLU G 115 -25.36 -23.84 -8.39
N LEU G 116 -24.32 -23.02 -8.19
CA LEU G 116 -24.38 -22.20 -6.94
C LEU G 116 -25.36 -21.03 -7.03
N ASP G 117 -25.36 -20.32 -8.17
CA ASP G 117 -26.32 -19.21 -8.40
C ASP G 117 -26.33 -18.92 -9.91
N LEU G 118 -27.45 -19.21 -10.58
CA LEU G 118 -27.57 -18.96 -12.05
C LEU G 118 -27.46 -17.45 -12.32
N VAL G 119 -28.07 -16.63 -11.48
CA VAL G 119 -27.98 -15.15 -11.62
C VAL G 119 -26.54 -14.66 -11.43
N ALA G 120 -25.82 -15.23 -10.45
CA ALA G 120 -24.40 -14.89 -10.28
C ALA G 120 -23.65 -15.34 -11.53
N TYR G 121 -23.99 -16.52 -12.07
CA TYR G 121 -23.39 -16.96 -13.35
C TYR G 121 -23.57 -15.82 -14.36
N LEU G 122 -24.77 -15.21 -14.44
CA LEU G 122 -24.95 -14.20 -15.49
C LEU G 122 -23.98 -13.05 -15.26
N ARG G 123 -23.77 -12.64 -14.01
CA ARG G 123 -22.92 -11.46 -13.75
C ARG G 123 -21.46 -11.85 -14.00
N PHE G 124 -21.08 -13.09 -13.77
CA PHE G 124 -19.73 -13.57 -14.00
C PHE G 124 -19.46 -13.75 -15.49
N ALA G 125 -20.44 -14.29 -16.23
CA ALA G 125 -20.28 -14.45 -17.67
C ALA G 125 -20.24 -13.11 -18.37
N SER G 126 -21.04 -12.14 -17.91
CA SER G 126 -21.04 -10.83 -18.53
C SER G 126 -19.68 -10.15 -18.39
N VAL G 127 -19.02 -10.31 -17.25
CA VAL G 127 -17.74 -9.60 -17.12
C VAL G 127 -16.69 -10.45 -17.80
N TYR G 128 -16.79 -11.73 -17.63
CA TYR G 128 -15.73 -12.61 -18.13
C TYR G 128 -15.77 -12.74 -19.64
N ARG G 129 -16.94 -13.05 -20.20
CA ARG G 129 -17.08 -13.16 -21.65
C ARG G 129 -17.16 -11.80 -22.34
N ALA G 130 -17.19 -10.72 -21.57
CA ALA G 130 -17.22 -9.36 -22.10
C ALA G 130 -18.44 -9.14 -23.02
N PHE G 131 -19.59 -9.50 -22.42
CA PHE G 131 -20.89 -9.38 -23.12
C PHE G 131 -21.02 -7.95 -23.62
N ASP G 132 -21.02 -7.76 -24.95
CA ASP G 132 -21.15 -6.42 -25.60
C ASP G 132 -22.49 -5.73 -25.39
N SER G 133 -23.62 -6.45 -25.45
CA SER G 133 -24.93 -5.73 -25.36
C SER G 133 -26.02 -6.66 -24.88
N LEU G 134 -27.27 -6.17 -24.80
CA LEU G 134 -28.22 -7.11 -24.16
C LEU G 134 -28.41 -8.34 -25.05
N GLU G 135 -28.01 -8.30 -26.33
CA GLU G 135 -28.09 -9.51 -27.13
C GLU G 135 -27.25 -10.63 -26.54
N ASP G 136 -26.05 -10.30 -26.05
CA ASP G 136 -25.22 -11.31 -25.40
C ASP G 136 -25.87 -11.82 -24.12
N PHE G 137 -26.52 -10.97 -23.36
CA PHE G 137 -27.15 -11.54 -22.16
C PHE G 137 -28.32 -12.42 -22.56
N GLU G 138 -29.12 -12.00 -23.56
CA GLU G 138 -30.22 -12.88 -23.97
C GLU G 138 -29.71 -14.22 -24.48
N ALA G 139 -28.60 -14.21 -25.22
CA ALA G 139 -28.01 -15.46 -25.68
C ALA G 139 -27.55 -16.31 -24.50
N ALA G 140 -26.94 -15.67 -23.49
CA ALA G 140 -26.53 -16.41 -22.30
C ALA G 140 -27.73 -16.98 -21.56
N ILE G 141 -28.83 -16.22 -21.48
CA ILE G 141 -30.04 -16.71 -20.84
C ILE G 141 -30.60 -17.92 -21.59
N ALA G 142 -30.55 -17.84 -22.91
CA ALA G 142 -31.00 -18.98 -23.73
C ALA G 142 -30.21 -20.22 -23.33
N GLU G 143 -28.88 -20.14 -23.30
CA GLU G 143 -28.04 -21.35 -23.05
C GLU G 143 -28.33 -21.92 -21.67
N LEU G 144 -28.54 -21.06 -20.70
CA LEU G 144 -28.88 -21.53 -19.34
C LEU G 144 -30.23 -22.21 -19.42
N ARG G 145 -31.15 -21.74 -20.28
CA ARG G 145 -32.41 -22.49 -20.34
C ARG G 145 -32.26 -23.78 -21.12
N GLU G 146 -31.38 -23.79 -22.12
CA GLU G 146 -31.10 -25.00 -22.90
C GLU G 146 -30.15 -25.89 -22.11
N THR G 147 -30.74 -26.67 -21.20
CA THR G 147 -30.01 -27.57 -20.31
C THR G 147 -29.03 -26.81 -19.43
N MET H 1 -18.73 28.97 -1.57
CA MET H 1 -18.91 27.51 -1.77
C MET H 1 -19.65 27.27 -3.08
N HIS H 2 -19.18 26.34 -3.87
CA HIS H 2 -19.71 26.00 -5.19
C HIS H 2 -21.19 25.65 -5.07
N CYS H 3 -22.01 26.25 -5.93
CA CYS H 3 -23.45 26.07 -5.82
C CYS H 3 -23.83 24.64 -6.16
N PRO H 4 -24.70 24.00 -5.39
CA PRO H 4 -25.17 22.66 -5.76
C PRO H 4 -25.94 22.63 -7.07
N PHE H 5 -26.46 23.78 -7.52
CA PHE H 5 -27.29 23.84 -8.71
C PHE H 5 -26.62 24.52 -9.89
N CYS H 6 -25.50 25.21 -9.68
CA CYS H 6 -24.85 25.92 -10.79
C CYS H 6 -23.34 25.72 -10.88
N ARG H 7 -22.70 25.06 -9.91
CA ARG H 7 -21.28 24.69 -9.98
C ARG H 7 -20.36 25.91 -10.07
N HIS H 8 -20.83 27.07 -9.64
CA HIS H 8 -20.03 28.29 -9.78
C HIS H 8 -18.82 28.23 -8.86
N PRO H 9 -17.63 28.67 -9.31
CA PRO H 9 -16.45 28.59 -8.44
C PRO H 9 -16.58 29.37 -7.14
N ASP H 10 -17.27 30.51 -7.15
CA ASP H 10 -17.36 31.37 -5.98
C ASP H 10 -18.81 31.77 -5.72
N SER H 11 -19.15 31.91 -4.45
CA SER H 11 -20.47 32.37 -4.02
C SER H 11 -20.33 33.27 -2.82
N ARG H 12 -21.35 34.10 -2.60
CA ARG H 12 -21.36 35.07 -1.52
C ARG H 12 -22.38 34.67 -0.46
N VAL H 13 -22.02 34.87 0.81
CA VAL H 13 -22.92 34.57 1.92
C VAL H 13 -23.91 35.73 2.05
N VAL H 14 -25.19 35.44 1.81
CA VAL H 14 -26.22 36.46 1.96
C VAL H 14 -26.93 36.39 3.31
N ASP H 15 -26.71 35.32 4.08
CA ASP H 15 -27.22 35.26 5.44
C ASP H 15 -26.33 34.33 6.26
N SER H 16 -25.99 34.75 7.48
CA SER H 16 -25.19 33.96 8.39
C SER H 16 -25.69 34.19 9.79
N ARG H 17 -26.17 33.09 10.39
CA ARG H 17 -26.78 33.18 11.74
C ARG H 17 -26.32 32.03 12.63
N THR H 18 -26.31 32.28 13.95
CA THR H 18 -25.87 31.26 14.90
C THR H 18 -27.05 30.40 15.35
N THR H 19 -26.87 29.10 15.28
CA THR H 19 -27.88 28.14 15.69
C THR H 19 -27.93 28.04 17.21
N ASP H 20 -29.01 27.45 17.72
CA ASP H 20 -29.16 27.26 19.15
C ASP H 20 -27.99 26.46 19.72
N ASP H 21 -27.46 26.94 20.85
CA ASP H 21 -26.28 26.43 21.54
C ASP H 21 -24.99 26.71 20.77
N GLY H 22 -25.07 27.27 19.56
CA GLY H 22 -23.89 27.63 18.81
C GLY H 22 -23.06 26.46 18.32
N THR H 23 -23.64 25.26 18.35
CA THR H 23 -22.95 24.09 17.82
C THR H 23 -22.82 24.13 16.30
N SER H 24 -23.54 25.04 15.63
CA SER H 24 -23.48 25.17 14.19
C SER H 24 -23.83 26.60 13.79
N ILE H 25 -23.45 26.96 12.56
CA ILE H 25 -23.79 28.25 11.99
C ILE H 25 -24.57 27.99 10.71
N ARG H 26 -25.72 28.63 10.57
CA ARG H 26 -26.56 28.49 9.39
C ARG H 26 -26.18 29.60 8.41
N ARG H 27 -25.66 29.22 7.25
CA ARG H 27 -25.23 30.18 6.23
C ARG H 27 -25.96 29.89 4.93
N ARG H 28 -26.89 30.79 4.58
CA ARG H 28 -27.58 30.70 3.29
C ARG H 28 -26.80 31.56 2.32
N ARG H 29 -26.66 31.12 1.08
CA ARG H 29 -25.87 31.82 0.08
C ARG H 29 -26.58 31.83 -1.26
N GLN H 30 -26.38 32.92 -2.01
CA GLN H 30 -26.94 33.09 -3.34
C GLN H 30 -25.84 32.94 -4.38
N CYS H 31 -26.04 32.02 -5.32
CA CYS H 31 -25.07 31.83 -6.39
C CYS H 31 -25.22 32.91 -7.44
N PRO H 32 -24.14 33.23 -8.17
CA PRO H 32 -24.23 34.23 -9.24
C PRO H 32 -24.54 33.69 -10.62
N ASP H 33 -24.56 32.37 -10.81
CA ASP H 33 -24.77 31.79 -12.14
C ASP H 33 -26.23 31.49 -12.42
N CYS H 34 -26.83 30.59 -11.63
CA CYS H 34 -28.25 30.25 -11.80
C CYS H 34 -29.14 30.94 -10.80
N SER H 35 -28.58 31.75 -9.90
CA SER H 35 -29.34 32.59 -8.97
C SER H 35 -30.31 31.75 -8.13
N ARG H 36 -29.85 30.58 -7.70
CA ARG H 36 -30.63 29.71 -6.83
C ARG H 36 -29.99 29.67 -5.46
N ARG H 37 -30.74 30.12 -4.45
CA ARG H 37 -30.22 30.15 -3.09
C ARG H 37 -30.05 28.74 -2.55
N PHE H 38 -28.98 28.53 -1.77
CA PHE H 38 -28.76 27.25 -1.10
C PHE H 38 -28.27 27.51 0.32
N THR H 39 -28.79 26.74 1.26
CA THR H 39 -28.44 26.89 2.67
C THR H 39 -27.47 25.80 3.09
N THR H 40 -26.55 26.15 3.98
CA THR H 40 -25.50 25.25 4.44
C THR H 40 -25.37 25.35 5.95
N VAL H 41 -24.82 24.30 6.55
CA VAL H 41 -24.59 24.23 7.98
C VAL H 41 -23.09 24.09 8.21
N GLU H 42 -22.56 24.95 9.09
CA GLU H 42 -21.13 25.01 9.38
C GLU H 42 -20.95 24.49 10.81
N THR H 43 -20.36 23.30 10.93
CA THR H 43 -20.25 22.60 12.20
C THR H 43 -18.79 22.29 12.51
N CYS H 44 -18.50 22.16 13.80
CA CYS H 44 -17.16 21.81 14.23
C CYS H 44 -16.81 20.39 13.79
N SER H 45 -15.54 20.19 13.43
CA SER H 45 -15.04 18.87 13.10
C SER H 45 -14.87 18.07 14.38
N LEU H 46 -15.63 16.99 14.52
CA LEU H 46 -15.47 16.12 15.67
C LEU H 46 -14.09 15.49 15.61
N MET H 47 -13.26 15.80 16.61
CA MET H 47 -11.92 15.26 16.70
C MET H 47 -11.85 14.23 17.82
N VAL H 48 -11.09 13.17 17.56
CA VAL H 48 -10.80 12.13 18.54
C VAL H 48 -9.34 12.26 18.92
N VAL H 49 -9.09 12.64 20.17
CA VAL H 49 -7.74 12.70 20.71
C VAL H 49 -7.32 11.27 21.02
N LYS H 50 -6.53 10.68 20.12
CA LYS H 50 -6.08 9.32 20.33
C LYS H 50 -5.18 9.25 21.56
N ARG H 51 -4.96 8.02 22.04
CA ARG H 51 -4.20 7.82 23.27
C ARG H 51 -2.74 8.21 23.14
N SER H 52 -2.27 8.47 21.92
CA SER H 52 -0.96 9.06 21.69
C SER H 52 -1.00 10.58 21.63
N GLY H 53 -2.17 11.19 21.82
CA GLY H 53 -2.34 12.62 21.73
C GLY H 53 -2.70 13.12 20.35
N VAL H 54 -2.70 12.26 19.33
CA VAL H 54 -3.07 12.67 17.98
C VAL H 54 -4.58 12.89 17.93
N THR H 55 -4.99 14.02 17.38
CA THR H 55 -6.41 14.35 17.24
C THR H 55 -6.84 14.04 15.82
N GLU H 56 -7.18 12.78 15.57
CA GLU H 56 -7.67 12.38 14.26
C GLU H 56 -9.10 12.87 14.07
N PRO H 57 -9.56 12.96 12.83
CA PRO H 57 -10.99 13.21 12.61
C PRO H 57 -11.82 12.04 13.10
N PHE H 58 -13.00 12.34 13.64
CA PHE H 58 -13.90 11.29 14.07
C PHE H 58 -14.41 10.53 12.87
N SER H 59 -14.37 9.20 12.96
CA SER H 59 -14.85 8.33 11.88
C SER H 59 -15.60 7.17 12.52
N ARG H 60 -16.90 7.10 12.24
CA ARG H 60 -17.69 5.96 12.71
C ARG H 60 -17.22 4.66 12.07
N THR H 61 -16.46 4.75 10.97
CA THR H 61 -15.92 3.54 10.34
C THR H 61 -14.98 2.81 11.28
N LYS H 62 -14.12 3.55 11.99
CA LYS H 62 -13.22 2.91 12.95
C LYS H 62 -13.99 2.28 14.10
N VAL H 63 -15.02 2.96 14.59
CA VAL H 63 -15.86 2.42 15.66
C VAL H 63 -16.51 1.12 15.21
N ILE H 64 -17.09 1.13 14.00
CA ILE H 64 -17.77 -0.05 13.50
C ILE H 64 -16.78 -1.19 13.25
N ASN H 65 -15.57 -0.87 12.77
CA ASN H 65 -14.56 -1.89 12.56
C ASN H 65 -14.13 -2.52 13.88
N GLY H 66 -13.94 -1.71 14.92
CA GLY H 66 -13.59 -2.27 16.21
C GLY H 66 -14.69 -3.15 16.78
N VAL H 67 -15.94 -2.67 16.69
CA VAL H 67 -17.05 -3.47 17.18
C VAL H 67 -17.19 -4.76 16.39
N ARG H 68 -16.94 -4.70 15.08
CA ARG H 68 -17.00 -5.89 14.24
C ARG H 68 -15.91 -6.88 14.62
N LYS H 69 -14.72 -6.37 14.96
CA LYS H 69 -13.67 -7.24 15.46
C LYS H 69 -14.13 -7.93 16.75
N ALA H 70 -14.83 -7.19 17.62
CA ALA H 70 -15.43 -7.82 18.79
C ALA H 70 -16.54 -8.80 18.39
N CYS H 71 -17.33 -8.43 17.38
CA CYS H 71 -18.49 -9.22 16.95
C CYS H 71 -18.11 -10.20 15.85
N GLN H 72 -17.27 -11.17 16.19
CA GLN H 72 -16.82 -12.16 15.23
C GLN H 72 -17.57 -13.47 15.47
N GLY H 73 -18.20 -13.99 14.42
CA GLY H 73 -18.98 -15.20 14.55
C GLY H 73 -20.18 -15.09 15.45
N ARG H 74 -20.76 -13.88 15.53
CA ARG H 74 -21.90 -13.65 16.46
C ARG H 74 -23.18 -13.43 15.66
N PRO H 75 -24.38 -13.48 16.26
CA PRO H 75 -25.60 -13.15 15.51
C PRO H 75 -25.72 -11.62 15.55
N VAL H 76 -24.82 -10.94 14.85
CA VAL H 76 -24.83 -9.44 14.79
C VAL H 76 -24.65 -9.07 13.31
N THR H 77 -25.67 -8.48 12.70
CA THR H 77 -25.62 -8.17 11.29
C THR H 77 -24.87 -6.87 11.04
N GLU H 78 -24.51 -6.65 9.78
CA GLU H 78 -23.88 -5.39 9.40
C GLU H 78 -24.82 -4.21 9.66
N ASP H 79 -26.13 -4.43 9.54
CA ASP H 79 -27.09 -3.39 9.88
C ASP H 79 -27.01 -3.02 11.36
N ALA H 80 -26.89 -4.03 12.22
CA ALA H 80 -26.76 -3.76 13.65
C ALA H 80 -25.45 -3.04 13.95
N LEU H 81 -24.37 -3.41 13.29
CA LEU H 81 -23.10 -2.73 13.48
C LEU H 81 -23.18 -1.27 13.06
N ALA H 82 -23.81 -1.00 11.91
CA ALA H 82 -23.97 0.38 11.47
C ALA H 82 -24.86 1.17 12.43
N GLN H 83 -25.92 0.53 12.95
CA GLN H 83 -26.78 1.20 13.91
C GLN H 83 -26.03 1.54 15.19
N LEU H 84 -25.19 0.62 15.66
CA LEU H 84 -24.38 0.90 16.84
C LEU H 84 -23.40 2.03 16.58
N GLY H 85 -22.77 2.03 15.40
CA GLY H 85 -21.88 3.14 15.07
C GLY H 85 -22.59 4.47 15.02
N GLN H 86 -23.81 4.49 14.45
CA GLN H 86 -24.59 5.72 14.43
C GLN H 86 -24.97 6.17 15.83
N ARG H 87 -25.33 5.22 16.70
CA ARG H 87 -25.67 5.58 18.08
C ARG H 87 -24.47 6.16 18.80
N VAL H 88 -23.28 5.57 18.60
CA VAL H 88 -22.07 6.08 19.23
C VAL H 88 -21.77 7.48 18.73
N GLU H 89 -21.86 7.70 17.42
CA GLU H 89 -21.60 9.02 16.86
C GLU H 89 -22.60 10.05 17.39
N GLU H 90 -23.88 9.67 17.46
CA GLU H 90 -24.89 10.58 17.97
C GLU H 90 -24.64 10.93 19.42
N ALA H 91 -24.25 9.95 20.24
CA ALA H 91 -23.96 10.23 21.65
C ALA H 91 -22.77 11.15 21.80
N VAL H 92 -21.69 10.88 21.06
CA VAL H 92 -20.50 11.70 21.22
C VAL H 92 -20.72 13.10 20.66
N ARG H 93 -21.54 13.31 19.68
CA ARG H 93 -21.82 14.70 19.21
C ARG H 93 -22.82 15.36 20.15
N ALA H 94 -23.75 14.59 20.77
CA ALA H 94 -24.62 15.20 21.77
C ALA H 94 -23.87 15.58 23.03
N THR H 95 -22.69 14.99 23.25
CA THR H 95 -21.84 15.46 24.34
C THR H 95 -21.46 16.92 24.14
N GLY H 96 -21.16 17.31 22.91
CA GLY H 96 -20.95 18.69 22.54
C GLY H 96 -19.50 19.09 22.33
N SER H 97 -18.56 18.37 22.93
CA SER H 97 -17.16 18.72 22.81
C SER H 97 -16.62 18.38 21.42
N ALA H 98 -15.74 19.23 20.92
CA ALA H 98 -15.13 18.98 19.60
C ALA H 98 -14.10 17.85 19.68
N GLU H 99 -13.30 17.82 20.73
CA GLU H 99 -12.33 16.76 20.95
C GLU H 99 -12.82 15.83 22.06
N LEU H 100 -12.98 14.56 21.72
CA LEU H 100 -13.24 13.50 22.69
C LEU H 100 -12.07 12.53 22.68
N THR H 101 -11.67 12.09 23.87
CA THR H 101 -10.62 11.09 23.93
C THR H 101 -11.15 9.74 23.45
N THR H 102 -10.23 8.87 23.05
CA THR H 102 -10.62 7.52 22.65
C THR H 102 -11.30 6.79 23.81
N HIS H 103 -10.99 7.17 25.05
CA HIS H 103 -11.67 6.59 26.20
C HIS H 103 -13.16 6.93 26.19
N ASP H 104 -13.49 8.18 25.87
CA ASP H 104 -14.90 8.58 25.81
C ASP H 104 -15.63 7.84 24.70
N VAL H 105 -14.99 7.67 23.54
CA VAL H 105 -15.62 6.92 22.46
C VAL H 105 -15.78 5.46 22.84
N GLY H 106 -14.79 4.90 23.55
CA GLY H 106 -14.91 3.52 24.00
C GLY H 106 -16.06 3.34 24.97
N LEU H 107 -16.25 4.29 25.89
CA LEU H 107 -17.38 4.23 26.80
C LEU H 107 -18.70 4.36 26.05
N ALA H 108 -18.76 5.28 25.08
CA ALA H 108 -19.97 5.45 24.30
C ALA H 108 -20.28 4.21 23.47
N ILE H 109 -19.25 3.45 23.09
CA ILE H 109 -19.49 2.17 22.43
C ILE H 109 -19.99 1.13 23.44
N LEU H 110 -19.32 1.04 24.58
CA LEU H 110 -19.63 -0.04 25.56
C LEU H 110 -21.10 -0.09 26.03
N GLY H 111 -21.68 1.03 26.50
CA GLY H 111 -23.05 0.91 27.07
C GLY H 111 -24.11 0.45 26.09
N PRO H 112 -24.20 0.94 24.84
CA PRO H 112 -25.08 0.35 23.82
C PRO H 112 -24.67 -1.09 23.46
N LEU H 113 -23.36 -1.33 23.30
CA LEU H 113 -22.85 -2.67 22.85
C LEU H 113 -23.46 -3.81 23.67
N GLN H 114 -23.81 -3.55 24.94
CA GLN H 114 -24.34 -4.66 25.78
C GLN H 114 -25.63 -5.16 25.11
N GLU H 115 -26.44 -4.23 24.61
CA GLU H 115 -27.69 -4.58 23.90
C GLU H 115 -27.41 -5.37 22.62
N LEU H 116 -26.35 -5.03 21.84
CA LEU H 116 -26.20 -5.82 20.57
C LEU H 116 -25.68 -7.23 20.78
N ASP H 117 -24.67 -7.37 21.64
CA ASP H 117 -24.11 -8.71 21.99
C ASP H 117 -23.28 -8.54 23.27
N LEU H 118 -23.75 -9.12 24.38
CA LEU H 118 -23.02 -9.05 25.67
C LEU H 118 -21.66 -9.73 25.55
N VAL H 119 -21.61 -10.87 24.86
CA VAL H 119 -20.31 -11.59 24.62
C VAL H 119 -19.37 -10.73 23.78
N ALA H 120 -19.88 -10.06 22.74
CA ALA H 120 -19.04 -9.15 21.96
C ALA H 120 -18.56 -8.02 22.88
N TYR H 121 -19.46 -7.53 23.76
CA TYR H 121 -19.03 -6.52 24.76
C TYR H 121 -17.81 -7.08 25.48
N LEU H 122 -17.82 -8.35 25.89
CA LEU H 122 -16.68 -8.83 26.68
C LEU H 122 -15.41 -8.73 25.83
N ARG H 123 -15.48 -9.08 24.56
CA ARG H 123 -14.26 -9.10 23.72
C ARG H 123 -13.81 -7.67 23.46
N PHE H 124 -14.73 -6.72 23.38
CA PHE H 124 -14.42 -5.31 23.15
C PHE H 124 -13.87 -4.67 24.42
N ALA H 125 -14.44 -5.00 25.57
CA ALA H 125 -13.93 -4.46 26.83
C ALA H 125 -12.55 -5.02 27.16
N SER H 126 -12.32 -6.30 26.85
CA SER H 126 -11.02 -6.90 27.11
C SER H 126 -9.92 -6.21 26.30
N VAL H 127 -10.22 -5.84 25.07
CA VAL H 127 -9.11 -5.23 24.29
C VAL H 127 -9.06 -3.77 24.66
N TYR H 128 -10.21 -3.18 24.83
CA TYR H 128 -10.24 -1.74 25.05
C TYR H 128 -9.76 -1.36 26.44
N ARG H 129 -10.32 -2.00 27.47
CA ARG H 129 -9.90 -1.73 28.85
C ARG H 129 -8.58 -2.39 29.20
N ALA H 130 -8.01 -3.20 28.29
CA ALA H 130 -6.72 -3.86 28.48
C ALA H 130 -6.74 -4.76 29.72
N PHE H 131 -7.77 -5.62 29.73
CA PHE H 131 -7.98 -6.56 30.84
C PHE H 131 -6.70 -7.36 31.03
N ASP H 132 -6.02 -7.18 32.17
CA ASP H 132 -4.74 -7.87 32.51
C ASP H 132 -4.87 -9.38 32.70
N SER H 133 -5.92 -9.88 33.35
CA SER H 133 -5.98 -11.35 33.63
C SER H 133 -7.40 -11.81 33.83
N LEU H 134 -7.59 -13.10 34.16
CA LEU H 134 -9.03 -13.48 34.16
C LEU H 134 -9.75 -12.75 35.29
N GLU H 135 -9.03 -12.18 36.28
CA GLU H 135 -9.73 -11.40 37.28
C GLU H 135 -10.48 -10.23 36.66
N ASP H 136 -9.87 -9.55 35.70
CA ASP H 136 -10.56 -8.48 35.00
C ASP H 136 -11.77 -9.00 34.24
N PHE H 137 -11.68 -10.16 33.62
CA PHE H 137 -12.90 -10.61 32.91
C PHE H 137 -13.97 -10.97 33.93
N GLU H 138 -13.60 -11.63 35.06
CA GLU H 138 -14.63 -11.94 36.04
C GLU H 138 -15.28 -10.67 36.59
N ALA H 139 -14.48 -9.62 36.81
CA ALA H 139 -15.04 -8.35 37.25
C ALA H 139 -15.98 -7.76 36.21
N ALA H 140 -15.60 -7.86 34.93
CA ALA H 140 -16.47 -7.38 33.86
C ALA H 140 -17.77 -8.19 33.80
N ILE H 141 -17.67 -9.51 34.01
CA ILE H 141 -18.87 -10.35 34.01
C ILE H 141 -19.78 -9.96 35.16
N ALA H 142 -19.18 -9.68 36.31
CA ALA H 142 -19.97 -9.23 37.46
C ALA H 142 -20.77 -7.99 37.06
N GLU H 143 -20.12 -6.97 36.49
CA GLU H 143 -20.82 -5.69 36.21
C GLU H 143 -21.95 -5.91 35.22
N LEU H 144 -21.74 -6.76 34.25
CA LEU H 144 -22.80 -7.08 33.26
C LEU H 144 -23.92 -7.76 34.01
N ARG H 145 -23.61 -8.57 35.05
CA ARG H 145 -24.75 -9.16 35.76
C ARG H 145 -25.41 -8.15 36.68
N GLU H 146 -24.63 -7.21 37.23
CA GLU H 146 -25.17 -6.15 38.08
C GLU H 146 -25.77 -5.07 37.19
N THR H 147 -27.03 -5.31 36.79
CA THR H 147 -27.78 -4.42 35.90
C THR H 147 -27.07 -4.25 34.56
#